data_3OW8
#
_entry.id   3OW8
#
_cell.length_a   64.544
_cell.length_b   72.922
_cell.length_c   81.514
_cell.angle_alpha   114.340
_cell.angle_beta   96.440
_cell.angle_gamma   90.120
#
_symmetry.space_group_name_H-M   'P 1'
#
loop_
_entity.id
_entity.type
_entity.pdbx_description
1 polymer 'WD repeat-containing protein 61'
2 non-polymer 'UNKNOWN ATOM OR ION'
#
_entity_poly.entity_id   1
_entity_poly.type   'polypeptide(L)'
_entity_poly.pdbx_seq_one_letter_code
;MHHHHHHSSRENLYFQGTNQYGILFKQEQAHDDAIWSVAWGTNKKENSETVVTGSLDDLVKVWKWRDERLDLQWSLEGHQ
LGVVSVDISHTLPIAASSSLDAHIRLWDLENGKQIKSIDAGPVDAWTLAFSPDSQYLATGTHVGKVNIFGVESGKKEYSL
DTRGKFILSIAYSPDGKYLASGAIDGIINIFDIATGKLLHTLEGHAMPIRSLTFSPDSQLLVTASDDGYIKIYDVQHANL
AGTLSGHASWVLNVAFCPDDTHFVSSSSDKSVKVWDVGTRTCVHTFFDHQDQVWGVKYNGNGSKIVSVGDDQEIHIYDCP
I
;
_entity_poly.pdbx_strand_id   A,B,C,D
#
loop_
_chem_comp.id
_chem_comp.type
_chem_comp.name
_chem_comp.formula
UNX non-polymer 'UNKNOWN ATOM OR ION' ?
#
# COMPACT_ATOMS: atom_id res chain seq x y z
N TYR A 21 -3.30 -28.71 7.78
CA TYR A 21 -3.77 -27.35 8.21
C TYR A 21 -4.78 -26.79 7.23
N GLY A 22 -5.68 -25.93 7.71
CA GLY A 22 -6.69 -25.34 6.83
C GLY A 22 -7.72 -24.50 7.55
N ILE A 23 -8.21 -23.48 6.84
CA ILE A 23 -9.32 -22.66 7.33
C ILE A 23 -10.53 -23.57 7.59
N LEU A 24 -11.15 -23.43 8.78
CA LEU A 24 -12.27 -24.28 9.18
C LEU A 24 -13.62 -23.54 9.32
N PHE A 25 -13.58 -22.28 9.70
CA PHE A 25 -14.80 -21.49 9.89
C PHE A 25 -14.43 -20.00 9.91
N LYS A 26 -15.29 -19.19 9.30
CA LYS A 26 -15.11 -17.73 9.27
C LYS A 26 -16.37 -17.02 9.74
N GLN A 27 -16.25 -16.22 10.80
CA GLN A 27 -17.33 -15.35 11.17
C GLN A 27 -17.02 -13.95 10.63
N GLU A 28 -17.77 -13.53 9.62
CA GLU A 28 -17.65 -12.18 9.06
C GLU A 28 -18.36 -11.21 9.98
N GLN A 29 -17.85 -9.98 10.08
CA GLN A 29 -18.42 -8.95 10.96
C GLN A 29 -18.71 -9.45 12.38
N ALA A 30 -17.76 -10.19 12.94
CA ALA A 30 -17.74 -10.50 14.37
C ALA A 30 -17.95 -9.26 15.21
N HIS A 31 -17.30 -8.17 14.83
CA HIS A 31 -17.42 -6.89 15.50
C HIS A 31 -17.67 -5.78 14.49
N ASP A 32 -17.88 -4.56 14.98
CA ASP A 32 -18.12 -3.40 14.12
C ASP A 32 -16.90 -2.50 13.94
N ASP A 33 -15.82 -2.77 14.69
CA ASP A 33 -14.51 -2.18 14.44
C ASP A 33 -13.39 -3.23 14.68
N ALA A 34 -12.14 -2.80 14.60
CA ALA A 34 -11.01 -3.72 14.79
C ALA A 34 -11.18 -4.58 16.04
N ILE A 35 -10.74 -5.84 15.96
CA ILE A 35 -10.66 -6.74 17.11
C ILE A 35 -9.19 -6.91 17.47
N TRP A 36 -8.79 -6.43 18.64
CA TRP A 36 -7.38 -6.37 19.01
C TRP A 36 -6.93 -7.58 19.84
N SER A 37 -7.88 -8.31 20.40
CA SER A 37 -7.53 -9.35 21.35
C SER A 37 -8.59 -10.43 21.38
N VAL A 38 -8.15 -11.65 21.65
CA VAL A 38 -8.99 -12.83 21.68
C VAL A 38 -8.40 -13.81 22.65
N ALA A 39 -9.28 -14.53 23.33
CA ALA A 39 -8.87 -15.56 24.26
C ALA A 39 -9.73 -16.81 24.02
N TRP A 40 -9.09 -17.99 24.11
CA TRP A 40 -9.78 -19.30 24.02
C TRP A 40 -9.65 -20.04 25.37
N GLY A 41 -10.78 -20.43 25.94
CA GLY A 41 -10.79 -21.17 27.21
C GLY A 41 -10.96 -22.66 27.02
N GLU A 49 -14.10 -24.64 24.15
CA GLU A 49 -15.54 -24.40 24.03
C GLU A 49 -15.91 -22.90 23.93
N THR A 50 -15.21 -22.04 24.68
CA THR A 50 -15.51 -20.59 24.74
C THR A 50 -14.40 -19.67 24.18
N VAL A 51 -14.75 -18.84 23.19
CA VAL A 51 -13.85 -17.82 22.66
C VAL A 51 -14.35 -16.41 23.04
N VAL A 52 -13.44 -15.57 23.51
CA VAL A 52 -13.76 -14.23 23.96
C VAL A 52 -12.99 -13.24 23.05
N THR A 53 -13.67 -12.22 22.54
CA THR A 53 -13.04 -11.21 21.66
C THR A 53 -13.24 -9.81 22.22
N GLY A 54 -12.25 -8.96 22.07
CA GLY A 54 -12.32 -7.56 22.54
C GLY A 54 -12.13 -6.65 21.34
N SER A 55 -12.99 -5.64 21.21
CA SER A 55 -12.97 -4.79 20.02
C SER A 55 -13.11 -3.32 20.31
N LEU A 56 -12.69 -2.52 19.33
CA LEU A 56 -12.72 -1.06 19.40
C LEU A 56 -14.16 -0.52 19.29
N ASP A 57 -15.08 -1.39 18.87
CA ASP A 57 -16.53 -1.07 18.91
C ASP A 57 -17.08 -1.03 20.35
N ASP A 58 -16.24 -1.38 21.32
CA ASP A 58 -16.51 -1.25 22.77
C ASP A 58 -17.03 -2.56 23.39
N LEU A 59 -17.37 -3.54 22.55
CA LEU A 59 -18.00 -4.77 23.04
C LEU A 59 -17.00 -5.89 23.32
N VAL A 60 -17.35 -6.72 24.29
CA VAL A 60 -16.67 -7.98 24.53
C VAL A 60 -17.67 -9.05 24.15
N LYS A 61 -17.32 -9.91 23.23
CA LYS A 61 -18.23 -10.94 22.83
C LYS A 61 -17.71 -12.29 23.25
N VAL A 62 -18.65 -13.13 23.67
CA VAL A 62 -18.37 -14.48 24.08
C VAL A 62 -19.00 -15.40 23.04
N TRP A 63 -18.18 -16.27 22.45
CA TRP A 63 -18.59 -17.18 21.37
C TRP A 63 -18.41 -18.63 21.80
N LYS A 64 -19.35 -19.48 21.41
CA LYS A 64 -19.27 -20.89 21.72
C LYS A 64 -18.70 -21.65 20.51
N TRP A 65 -17.59 -22.35 20.71
CA TRP A 65 -17.08 -23.29 19.72
C TRP A 65 -17.57 -24.67 20.09
N ARG A 66 -18.42 -25.24 19.24
CA ARG A 66 -18.96 -26.57 19.48
C ARG A 66 -19.34 -27.23 18.16
N ASP A 67 -19.22 -28.55 18.12
CA ASP A 67 -19.50 -29.35 16.91
C ASP A 67 -19.11 -28.61 15.63
N GLU A 68 -17.86 -28.12 15.60
CA GLU A 68 -17.25 -27.52 14.40
C GLU A 68 -17.77 -26.11 14.02
N ARG A 69 -18.71 -25.59 14.80
CA ARG A 69 -19.32 -24.29 14.54
C ARG A 69 -18.91 -23.26 15.61
N LEU A 70 -18.90 -21.98 15.23
CA LEU A 70 -18.79 -20.84 16.17
C LEU A 70 -20.13 -20.07 16.14
N ASP A 71 -20.71 -19.84 17.32
CA ASP A 71 -22.00 -19.15 17.46
C ASP A 71 -21.88 -18.18 18.64
N LEU A 72 -22.40 -16.96 18.49
CA LEU A 72 -22.29 -15.95 19.53
C LEU A 72 -23.26 -16.24 20.68
N GLN A 73 -22.77 -16.10 21.90
CA GLN A 73 -23.54 -16.43 23.11
C GLN A 73 -23.92 -15.15 23.85
N TRP A 74 -22.92 -14.37 24.23
CA TRP A 74 -23.14 -13.12 24.92
C TRP A 74 -22.54 -11.94 24.17
N SER A 75 -23.24 -10.80 24.18
CA SER A 75 -22.67 -9.51 23.80
C SER A 75 -22.56 -8.64 25.05
N LEU A 76 -21.34 -8.39 25.52
CA LEU A 76 -21.15 -7.77 26.84
C LEU A 76 -20.94 -6.26 26.76
N GLU A 77 -21.95 -5.51 27.20
CA GLU A 77 -21.92 -4.05 27.20
C GLU A 77 -21.48 -3.55 28.56
N GLY A 78 -20.70 -2.47 28.57
CA GLY A 78 -20.25 -1.84 29.81
C GLY A 78 -19.13 -0.83 29.59
N HIS A 79 -18.17 -1.21 28.74
CA HIS A 79 -17.07 -0.32 28.39
C HIS A 79 -17.58 0.90 27.62
N GLN A 80 -17.01 2.05 27.89
CA GLN A 80 -17.46 3.29 27.26
C GLN A 80 -16.65 3.62 26.01
N LEU A 81 -15.54 2.91 25.82
CA LEU A 81 -14.65 3.10 24.66
C LEU A 81 -14.07 1.77 24.25
N GLY A 82 -13.32 1.75 23.16
CA GLY A 82 -12.78 0.53 22.60
C GLY A 82 -12.08 -0.39 23.57
N VAL A 83 -12.23 -1.69 23.35
CA VAL A 83 -11.57 -2.69 24.17
C VAL A 83 -10.20 -2.96 23.59
N VAL A 84 -9.21 -3.03 24.48
CA VAL A 84 -7.84 -3.22 24.09
C VAL A 84 -7.51 -4.69 24.21
N SER A 85 -7.79 -5.26 25.39
CA SER A 85 -7.36 -6.61 25.71
C SER A 85 -8.44 -7.38 26.46
N VAL A 86 -8.46 -8.70 26.27
CA VAL A 86 -9.34 -9.58 27.04
C VAL A 86 -8.57 -10.80 27.47
N ASP A 87 -9.01 -11.45 28.54
CA ASP A 87 -8.49 -12.78 28.92
C ASP A 87 -9.57 -13.64 29.60
N ILE A 88 -9.35 -14.96 29.60
CA ILE A 88 -10.24 -15.91 30.25
C ILE A 88 -9.48 -16.62 31.36
N SER A 89 -10.13 -16.81 32.49
CA SER A 89 -9.52 -17.54 33.60
C SER A 89 -9.44 -19.03 33.24
N HIS A 90 -8.36 -19.67 33.65
CA HIS A 90 -8.13 -21.09 33.37
C HIS A 90 -9.01 -22.02 34.22
N THR A 91 -9.30 -21.60 35.45
CA THR A 91 -10.08 -22.42 36.40
C THR A 91 -11.54 -21.98 36.55
N LEU A 92 -11.78 -20.66 36.50
CA LEU A 92 -13.12 -20.09 36.71
C LEU A 92 -13.76 -19.64 35.38
N PRO A 93 -15.11 -19.68 35.31
CA PRO A 93 -15.82 -19.25 34.10
C PRO A 93 -16.04 -17.73 34.07
N ILE A 94 -14.93 -16.99 33.99
CA ILE A 94 -14.95 -15.55 33.97
C ILE A 94 -13.98 -15.10 32.88
N ALA A 95 -14.24 -13.91 32.35
CA ALA A 95 -13.32 -13.25 31.45
C ALA A 95 -13.08 -11.86 31.98
N ALA A 96 -11.96 -11.27 31.58
CA ALA A 96 -11.62 -9.91 31.99
C ALA A 96 -11.30 -9.10 30.76
N SER A 97 -11.77 -7.86 30.73
CA SER A 97 -11.39 -6.95 29.68
C SER A 97 -10.81 -5.67 30.27
N SER A 98 -9.86 -5.07 29.55
CA SER A 98 -9.43 -3.70 29.75
C SER A 98 -9.82 -2.92 28.51
N SER A 99 -9.91 -1.60 28.67
CA SER A 99 -10.46 -0.72 27.63
C SER A 99 -9.78 0.64 27.70
N LEU A 100 -9.89 1.40 26.61
CA LEU A 100 -9.38 2.78 26.56
C LEU A 100 -10.11 3.70 27.52
N ASP A 101 -11.23 3.24 28.07
CA ASP A 101 -11.99 4.00 29.06
C ASP A 101 -11.41 3.92 30.49
N ALA A 102 -10.21 3.36 30.63
CA ALA A 102 -9.47 3.40 31.91
C ALA A 102 -10.03 2.47 32.99
N HIS A 103 -10.87 1.53 32.58
CA HIS A 103 -11.45 0.52 33.47
C HIS A 103 -11.14 -0.90 33.03
N ILE A 104 -11.04 -1.77 34.01
CA ILE A 104 -11.02 -3.20 33.76
C ILE A 104 -12.36 -3.75 34.28
N ARG A 105 -13.01 -4.56 33.45
CA ARG A 105 -14.26 -5.22 33.82
C ARG A 105 -14.09 -6.73 33.86
N LEU A 106 -14.64 -7.36 34.90
CA LEU A 106 -14.71 -8.81 35.02
C LEU A 106 -16.09 -9.25 34.59
N TRP A 107 -16.17 -10.37 33.87
CA TRP A 107 -17.44 -10.83 33.29
C TRP A 107 -17.78 -12.26 33.69
N ASP A 108 -19.05 -12.51 34.04
CA ASP A 108 -19.53 -13.88 34.31
C ASP A 108 -19.96 -14.59 33.01
N LEU A 109 -19.19 -15.61 32.63
CA LEU A 109 -19.40 -16.31 31.35
C LEU A 109 -20.60 -17.25 31.34
N GLU A 110 -21.07 -17.63 32.53
CA GLU A 110 -22.17 -18.57 32.65
C GLU A 110 -23.52 -17.91 32.34
N ASN A 111 -23.66 -16.63 32.68
CA ASN A 111 -24.94 -15.92 32.49
C ASN A 111 -24.82 -14.55 31.82
N GLY A 112 -23.62 -14.21 31.37
CA GLY A 112 -23.40 -13.04 30.54
C GLY A 112 -23.47 -11.70 31.24
N LYS A 113 -23.27 -11.67 32.55
CA LYS A 113 -23.38 -10.43 33.31
C LYS A 113 -22.01 -9.96 33.76
N GLN A 114 -21.93 -8.67 34.07
CA GLN A 114 -20.71 -8.07 34.59
C GLN A 114 -20.60 -8.36 36.09
N ILE A 115 -19.43 -8.86 36.50
CA ILE A 115 -19.15 -9.12 37.92
C ILE A 115 -18.77 -7.82 38.64
N LYS A 116 -17.73 -7.14 38.15
CA LYS A 116 -17.31 -5.85 38.73
C LYS A 116 -16.48 -5.01 37.73
N SER A 117 -16.23 -3.76 38.11
CA SER A 117 -15.50 -2.81 37.28
C SER A 117 -14.44 -2.10 38.12
N ILE A 118 -13.20 -2.12 37.65
CA ILE A 118 -12.04 -1.58 38.39
C ILE A 118 -11.46 -0.34 37.68
N ASP A 119 -11.30 0.76 38.42
CA ASP A 119 -10.69 1.98 37.90
C ASP A 119 -9.18 1.83 37.90
N ALA A 120 -8.62 1.46 36.74
CA ALA A 120 -7.17 1.30 36.57
C ALA A 120 -6.48 2.66 36.57
N GLY A 121 -7.08 3.60 35.83
CA GLY A 121 -6.51 4.92 35.66
C GLY A 121 -6.33 5.21 34.18
N PRO A 122 -6.13 6.50 33.84
CA PRO A 122 -6.01 6.90 32.46
C PRO A 122 -4.75 6.31 31.82
N VAL A 123 -4.92 5.64 30.70
CA VAL A 123 -3.83 4.89 30.04
C VAL A 123 -2.97 4.06 31.05
N ASP A 124 -3.61 3.48 32.06
CA ASP A 124 -2.93 2.58 33.03
C ASP A 124 -3.48 1.17 32.95
N ALA A 125 -4.00 0.83 31.77
CA ALA A 125 -4.66 -0.43 31.56
C ALA A 125 -4.60 -0.75 30.07
N TRP A 126 -3.52 -1.41 29.64
CA TRP A 126 -3.37 -1.75 28.26
C TRP A 126 -3.73 -3.20 28.07
N THR A 127 -2.76 -4.11 28.20
CA THR A 127 -3.04 -5.54 28.04
C THR A 127 -3.21 -6.22 29.40
N LEU A 128 -4.11 -7.20 29.42
CA LEU A 128 -4.55 -7.92 30.60
C LEU A 128 -3.98 -9.32 30.55
N ALA A 129 -3.76 -9.89 31.72
CA ALA A 129 -3.53 -11.33 31.83
C ALA A 129 -3.92 -11.81 33.23
N PHE A 130 -4.66 -12.92 33.28
CA PHE A 130 -4.93 -13.60 34.54
C PHE A 130 -3.70 -14.36 34.97
N SER A 131 -3.49 -14.48 36.27
CA SER A 131 -2.43 -15.35 36.78
C SER A 131 -2.91 -16.81 36.63
N PRO A 132 -1.97 -17.78 36.63
CA PRO A 132 -2.28 -19.20 36.53
C PRO A 132 -3.48 -19.66 37.39
N ASP A 133 -3.57 -19.13 38.60
CA ASP A 133 -4.63 -19.48 39.54
C ASP A 133 -5.84 -18.54 39.51
N SER A 134 -5.81 -17.52 38.66
CA SER A 134 -6.93 -16.60 38.46
C SER A 134 -7.35 -15.82 39.73
N GLN A 135 -6.42 -15.69 40.68
CA GLN A 135 -6.60 -14.84 41.86
C GLN A 135 -6.14 -13.40 41.57
N TYR A 136 -5.25 -13.25 40.59
CA TYR A 136 -4.71 -11.94 40.24
C TYR A 136 -4.82 -11.67 38.74
N LEU A 137 -5.00 -10.39 38.41
CA LEU A 137 -5.10 -9.92 37.06
C LEU A 137 -4.04 -8.81 36.87
N ALA A 138 -3.10 -9.02 35.94
CA ALA A 138 -2.02 -8.08 35.69
C ALA A 138 -2.29 -7.22 34.45
N THR A 139 -1.90 -5.96 34.54
CA THR A 139 -2.05 -5.02 33.44
C THR A 139 -0.81 -4.13 33.24
N GLY A 140 -0.49 -3.84 31.98
CA GLY A 140 0.60 -2.93 31.64
C GLY A 140 0.11 -1.50 31.63
N THR A 141 0.98 -0.58 32.06
CA THR A 141 0.65 0.83 32.16
C THR A 141 1.52 1.64 31.19
N HIS A 142 1.05 2.84 30.86
CA HIS A 142 1.82 3.78 30.05
C HIS A 142 3.01 4.35 30.80
N VAL A 143 3.02 4.23 32.13
CA VAL A 143 4.06 4.85 32.97
C VAL A 143 5.25 3.92 33.28
N GLY A 144 5.24 2.71 32.71
CA GLY A 144 6.34 1.76 32.91
C GLY A 144 6.13 0.70 33.99
N LYS A 145 4.93 0.69 34.58
CA LYS A 145 4.56 -0.25 35.63
C LYS A 145 3.64 -1.39 35.13
N VAL A 146 3.74 -2.55 35.80
CA VAL A 146 2.79 -3.61 35.65
C VAL A 146 1.97 -3.68 36.93
N ASN A 147 0.70 -3.33 36.83
CA ASN A 147 -0.19 -3.31 37.98
C ASN A 147 -0.90 -4.65 38.12
N ILE A 148 -0.78 -5.24 39.32
CA ILE A 148 -1.42 -6.51 39.66
C ILE A 148 -2.68 -6.23 40.45
N PHE A 149 -3.82 -6.65 39.92
CA PHE A 149 -5.09 -6.43 40.58
C PHE A 149 -5.61 -7.74 41.12
N GLY A 150 -6.38 -7.64 42.20
CA GLY A 150 -6.99 -8.79 42.84
C GLY A 150 -8.39 -9.01 42.29
N VAL A 151 -8.66 -10.25 41.87
CA VAL A 151 -9.92 -10.56 41.23
C VAL A 151 -11.07 -10.41 42.22
N GLU A 152 -10.89 -10.99 43.41
CA GLU A 152 -11.92 -10.95 44.45
C GLU A 152 -12.06 -9.55 45.04
N SER A 153 -10.92 -8.90 45.35
CA SER A 153 -10.95 -7.63 46.07
C SER A 153 -11.31 -6.42 45.18
N GLY A 154 -10.95 -6.46 43.91
CA GLY A 154 -11.18 -5.34 43.00
C GLY A 154 -10.18 -4.19 43.12
N LYS A 155 -9.20 -4.33 44.01
CA LYS A 155 -8.23 -3.28 44.32
C LYS A 155 -6.85 -3.60 43.77
N LYS A 156 -6.03 -2.56 43.59
CA LYS A 156 -4.62 -2.75 43.25
C LYS A 156 -3.92 -3.40 44.44
N GLU A 157 -3.48 -4.65 44.26
CA GLU A 157 -2.79 -5.39 45.33
C GLU A 157 -1.27 -5.20 45.31
N TYR A 158 -0.70 -5.00 44.13
CA TYR A 158 0.71 -4.56 44.03
C TYR A 158 1.17 -4.20 42.61
N SER A 159 2.37 -3.60 42.54
CA SER A 159 2.89 -3.02 41.32
C SER A 159 4.34 -3.43 41.09
N LEU A 160 4.65 -3.83 39.85
CA LEU A 160 6.02 -4.14 39.44
C LEU A 160 6.52 -2.98 38.60
N ASP A 161 7.69 -2.42 38.95
CA ASP A 161 8.20 -1.21 38.26
C ASP A 161 9.44 -1.46 37.39
N THR A 162 9.27 -1.32 36.07
CA THR A 162 10.38 -1.44 35.12
C THR A 162 11.18 -0.14 35.02
N ARG A 163 10.63 0.95 35.58
CA ARG A 163 11.27 2.26 35.54
C ARG A 163 11.47 2.80 34.11
N GLY A 164 10.78 2.18 33.14
CA GLY A 164 11.01 2.45 31.73
C GLY A 164 9.86 3.17 31.05
N LYS A 165 9.30 2.53 30.03
CA LYS A 165 8.37 3.17 29.08
C LYS A 165 7.07 2.35 28.88
N PHE A 166 6.18 2.88 28.06
CA PHE A 166 4.88 2.26 27.78
C PHE A 166 5.01 0.74 27.61
N ILE A 167 4.32 0.01 28.47
CA ILE A 167 4.36 -1.44 28.46
C ILE A 167 3.23 -1.97 27.61
N LEU A 168 3.57 -2.64 26.51
CA LEU A 168 2.61 -3.05 25.47
C LEU A 168 2.25 -4.53 25.51
N SER A 169 2.87 -5.27 26.42
CA SER A 169 2.66 -6.71 26.48
C SER A 169 3.11 -7.23 27.84
N ILE A 170 2.34 -8.19 28.38
CA ILE A 170 2.72 -8.86 29.60
C ILE A 170 2.43 -10.34 29.47
N ALA A 171 3.15 -11.18 30.20
CA ALA A 171 2.87 -12.61 30.18
C ALA A 171 3.28 -13.27 31.48
N TYR A 172 2.41 -14.16 31.97
CA TYR A 172 2.68 -15.00 33.16
C TYR A 172 3.27 -16.30 32.67
N SER A 173 4.27 -16.81 33.38
CA SER A 173 4.80 -18.15 33.12
C SER A 173 3.84 -19.14 33.76
N PRO A 174 3.36 -20.13 33.01
CA PRO A 174 2.44 -21.13 33.55
C PRO A 174 2.78 -21.64 34.96
N ASP A 175 4.06 -21.94 35.21
CA ASP A 175 4.48 -22.47 36.52
C ASP A 175 4.26 -21.49 37.68
N GLY A 176 3.96 -20.24 37.35
CA GLY A 176 3.62 -19.24 38.34
C GLY A 176 4.84 -18.54 38.91
N LYS A 177 6.02 -18.84 38.35
CA LYS A 177 7.27 -18.32 38.90
C LYS A 177 7.60 -16.91 38.44
N TYR A 178 7.23 -16.58 37.20
CA TYR A 178 7.68 -15.33 36.57
C TYR A 178 6.57 -14.52 35.90
N LEU A 179 6.81 -13.21 35.78
CA LEU A 179 6.05 -12.37 34.85
C LEU A 179 7.03 -11.60 33.96
N ALA A 180 6.71 -11.55 32.66
CA ALA A 180 7.50 -10.82 31.67
C ALA A 180 6.70 -9.67 31.05
N SER A 181 7.36 -8.55 30.81
CA SER A 181 6.74 -7.38 30.19
C SER A 181 7.62 -6.89 29.05
N GLY A 182 6.99 -6.55 27.92
CA GLY A 182 7.68 -6.01 26.75
C GLY A 182 7.23 -4.58 26.52
N ALA A 183 8.19 -3.70 26.28
CA ALA A 183 7.96 -2.26 26.28
C ALA A 183 7.88 -1.69 24.87
N ILE A 184 7.52 -0.41 24.80
CA ILE A 184 7.39 0.30 23.51
C ILE A 184 8.74 0.57 22.89
N ASP A 185 9.78 0.66 23.72
CA ASP A 185 11.15 0.91 23.23
C ASP A 185 12.01 -0.37 23.15
N GLY A 186 11.38 -1.54 23.20
CA GLY A 186 12.05 -2.82 23.00
C GLY A 186 12.72 -3.47 24.21
N ILE A 187 12.53 -2.89 25.39
CA ILE A 187 13.06 -3.49 26.62
C ILE A 187 12.09 -4.53 27.16
N ILE A 188 12.61 -5.75 27.39
CA ILE A 188 11.87 -6.81 28.06
C ILE A 188 12.37 -6.92 29.50
N ASN A 189 11.43 -7.09 30.43
CA ASN A 189 11.78 -7.29 31.84
C ASN A 189 11.15 -8.59 32.36
N ILE A 190 11.95 -9.39 33.08
CA ILE A 190 11.45 -10.60 33.75
C ILE A 190 11.46 -10.40 35.29
N PHE A 191 10.27 -10.40 35.89
CA PHE A 191 10.10 -10.26 37.36
C PHE A 191 9.92 -11.61 38.08
N ASP A 192 10.40 -11.69 39.32
CA ASP A 192 10.10 -12.84 40.20
C ASP A 192 8.79 -12.56 40.94
N ILE A 193 7.73 -13.29 40.58
CA ILE A 193 6.37 -13.02 41.09
C ILE A 193 6.18 -13.26 42.60
N ALA A 194 7.08 -14.01 43.24
CA ALA A 194 6.97 -14.31 44.67
C ALA A 194 7.79 -13.35 45.54
N THR A 195 8.70 -12.59 44.92
CA THR A 195 9.50 -11.58 45.62
C THR A 195 9.27 -10.16 45.09
N GLY A 196 8.68 -10.04 43.89
CA GLY A 196 8.44 -8.74 43.27
C GLY A 196 9.70 -8.04 42.75
N LYS A 197 10.82 -8.75 42.75
CA LYS A 197 12.10 -8.20 42.30
C LYS A 197 12.28 -8.41 40.81
N LEU A 198 12.90 -7.42 40.15
CA LEU A 198 13.25 -7.52 38.74
C LEU A 198 14.47 -8.40 38.61
N LEU A 199 14.33 -9.55 37.96
CA LEU A 199 15.44 -10.53 37.87
C LEU A 199 16.38 -10.27 36.68
N HIS A 200 15.80 -9.94 35.51
CA HIS A 200 16.59 -9.64 34.30
C HIS A 200 15.99 -8.51 33.51
N THR A 201 16.85 -7.80 32.77
CA THR A 201 16.42 -6.76 31.84
C THR A 201 17.17 -6.98 30.52
N LEU A 202 16.44 -7.28 29.45
CA LEU A 202 17.05 -7.62 28.15
C LEU A 202 16.94 -6.47 27.13
N GLU A 203 18.04 -6.18 26.44
CA GLU A 203 18.04 -5.21 25.35
C GLU A 203 17.26 -5.77 24.18
N GLY A 204 17.74 -6.88 23.60
CA GLY A 204 17.03 -7.56 22.51
C GLY A 204 16.60 -6.66 21.37
N HIS A 205 15.29 -6.51 21.16
CA HIS A 205 14.74 -5.61 20.13
C HIS A 205 15.05 -4.11 20.43
N ALA A 206 14.93 -3.26 19.40
CA ALA A 206 14.91 -1.79 19.57
C ALA A 206 13.57 -1.19 19.06
N MET A 207 12.64 -2.05 18.65
CA MET A 207 11.33 -1.63 18.21
C MET A 207 10.34 -2.05 19.31
N PRO A 208 9.07 -1.59 19.21
CA PRO A 208 8.06 -2.01 20.21
C PRO A 208 7.87 -3.51 20.27
N ILE A 209 7.56 -4.02 21.46
CA ILE A 209 7.27 -5.44 21.65
C ILE A 209 5.82 -5.61 22.06
N ARG A 210 4.97 -5.81 21.07
CA ARG A 210 3.53 -5.82 21.28
C ARG A 210 3.00 -7.14 21.80
N SER A 211 3.82 -8.18 21.81
CA SER A 211 3.42 -9.46 22.40
C SER A 211 4.59 -10.23 22.92
N LEU A 212 4.38 -10.90 24.06
CA LEU A 212 5.26 -11.97 24.49
C LEU A 212 4.47 -13.05 25.23
N THR A 213 5.00 -14.26 25.20
CA THR A 213 4.32 -15.40 25.78
C THR A 213 5.32 -16.45 26.24
N PHE A 214 5.07 -17.02 27.41
CA PHE A 214 5.87 -18.14 27.91
C PHE A 214 5.37 -19.43 27.30
N SER A 215 6.26 -20.39 27.13
CA SER A 215 5.90 -21.71 26.63
C SER A 215 5.26 -22.51 27.77
N PRO A 216 4.42 -23.52 27.44
CA PRO A 216 3.74 -24.33 28.47
C PRO A 216 4.65 -24.89 29.59
N ASP A 217 5.92 -25.17 29.30
CA ASP A 217 6.84 -25.66 30.35
C ASP A 217 7.60 -24.54 31.08
N SER A 218 7.27 -23.29 30.76
CA SER A 218 7.84 -22.11 31.44
C SER A 218 9.36 -21.96 31.27
N GLN A 219 9.91 -22.57 30.23
CA GLN A 219 11.37 -22.59 30.01
C GLN A 219 11.78 -21.59 28.93
N LEU A 220 10.90 -21.34 27.98
CA LEU A 220 11.17 -20.44 26.87
C LEU A 220 10.29 -19.20 26.93
N LEU A 221 10.84 -18.07 26.48
CA LEU A 221 10.08 -16.82 26.33
C LEU A 221 10.17 -16.36 24.88
N VAL A 222 9.03 -16.32 24.21
CA VAL A 222 8.98 -15.89 22.81
C VAL A 222 8.42 -14.47 22.73
N THR A 223 9.11 -13.61 22.02
CA THR A 223 8.75 -12.19 21.96
C THR A 223 8.59 -11.78 20.51
N ALA A 224 7.62 -10.89 20.26
CA ALA A 224 7.32 -10.39 18.92
C ALA A 224 7.62 -8.89 18.84
N SER A 225 7.85 -8.38 17.65
CA SER A 225 8.31 -7.01 17.54
C SER A 225 7.90 -6.33 16.25
N ASP A 226 7.81 -4.99 16.29
CA ASP A 226 7.58 -4.17 15.11
C ASP A 226 8.65 -4.37 14.05
N ASP A 227 9.86 -4.78 14.44
CA ASP A 227 10.92 -5.06 13.42
C ASP A 227 10.63 -6.30 12.56
N GLY A 228 9.57 -7.05 12.91
CA GLY A 228 9.16 -8.23 12.13
C GLY A 228 9.82 -9.52 12.56
N TYR A 229 10.70 -9.44 13.56
CA TYR A 229 11.43 -10.58 14.07
C TYR A 229 10.77 -11.13 15.31
N ILE A 230 10.79 -12.45 15.44
CA ILE A 230 10.37 -13.13 16.64
C ILE A 230 11.64 -13.64 17.30
N LYS A 231 11.79 -13.39 18.59
CA LYS A 231 12.97 -13.79 19.32
C LYS A 231 12.57 -14.80 20.38
N ILE A 232 13.41 -15.81 20.56
CA ILE A 232 13.17 -16.90 21.51
C ILE A 232 14.25 -16.87 22.56
N TYR A 233 13.86 -16.73 23.82
CA TYR A 233 14.82 -16.71 24.95
C TYR A 233 14.62 -17.91 25.85
N ASP A 234 15.74 -18.48 26.31
CA ASP A 234 15.71 -19.43 27.42
C ASP A 234 15.50 -18.60 28.68
N VAL A 235 14.58 -19.02 29.54
CA VAL A 235 14.21 -18.26 30.72
C VAL A 235 15.23 -18.40 31.87
N GLN A 236 15.69 -19.62 32.12
CA GLN A 236 16.64 -19.89 33.19
C GLN A 236 17.91 -19.06 33.02
N HIS A 237 18.64 -19.30 31.93
CA HIS A 237 19.88 -18.56 31.63
C HIS A 237 19.61 -17.15 31.10
N ALA A 238 18.38 -16.88 30.66
CA ALA A 238 17.97 -15.54 30.18
C ALA A 238 18.67 -15.09 28.89
N ASN A 239 19.29 -16.03 28.17
CA ASN A 239 20.00 -15.70 26.93
C ASN A 239 19.12 -15.93 25.71
N LEU A 240 19.48 -15.26 24.61
CA LEU A 240 18.76 -15.39 23.33
C LEU A 240 19.12 -16.72 22.69
N ALA A 241 18.12 -17.49 22.32
CA ALA A 241 18.33 -18.81 21.72
C ALA A 241 18.23 -18.75 20.20
N GLY A 242 17.31 -17.96 19.68
CA GLY A 242 17.17 -17.82 18.23
C GLY A 242 16.36 -16.63 17.81
N THR A 243 16.46 -16.30 16.53
CA THR A 243 15.65 -15.23 15.93
C THR A 243 15.02 -15.72 14.63
N LEU A 244 13.72 -15.50 14.48
CA LEU A 244 12.99 -15.97 13.29
C LEU A 244 12.60 -14.80 12.39
N SER A 245 13.04 -14.85 11.12
CA SER A 245 12.52 -13.95 10.08
C SER A 245 11.34 -14.65 9.45
N GLY A 246 10.37 -13.87 8.99
CA GLY A 246 9.14 -14.46 8.43
C GLY A 246 7.96 -13.52 8.30
N HIS A 247 7.89 -12.50 9.15
CA HIS A 247 6.87 -11.47 8.99
C HIS A 247 7.42 -10.25 8.21
N ALA A 248 6.63 -9.74 7.27
CA ALA A 248 7.02 -8.59 6.42
C ALA A 248 6.69 -7.23 7.07
N SER A 249 6.02 -7.22 8.22
CA SER A 249 5.73 -6.00 8.96
C SER A 249 5.63 -6.35 10.45
N TRP A 250 4.92 -5.55 11.23
CA TRP A 250 4.89 -5.73 12.68
C TRP A 250 4.33 -7.09 13.05
N VAL A 251 4.95 -7.73 14.04
CA VAL A 251 4.42 -8.94 14.64
C VAL A 251 3.56 -8.46 15.78
N LEU A 252 2.28 -8.83 15.74
CA LEU A 252 1.30 -8.30 16.68
C LEU A 252 1.02 -9.25 17.80
N ASN A 253 1.21 -10.54 17.54
CA ASN A 253 0.86 -11.57 18.50
C ASN A 253 1.70 -12.84 18.31
N VAL A 254 2.05 -13.47 19.43
CA VAL A 254 2.61 -14.80 19.42
C VAL A 254 1.89 -15.62 20.50
N ALA A 255 1.54 -16.86 20.18
CA ALA A 255 0.90 -17.73 21.15
C ALA A 255 1.34 -19.18 20.97
N PHE A 256 1.46 -19.89 22.09
CA PHE A 256 2.03 -21.23 22.10
C PHE A 256 0.98 -22.32 21.96
N CYS A 257 1.37 -23.40 21.28
CA CYS A 257 0.60 -24.61 21.18
C CYS A 257 0.77 -25.37 22.50
N PRO A 258 -0.31 -25.96 23.04
CA PRO A 258 -0.21 -26.77 24.25
C PRO A 258 0.86 -27.87 24.16
N ASP A 259 1.07 -28.44 22.97
CA ASP A 259 2.05 -29.53 22.78
C ASP A 259 3.51 -29.08 22.97
N ASP A 260 3.70 -27.80 23.33
CA ASP A 260 5.00 -27.28 23.81
C ASP A 260 6.06 -27.19 22.71
N THR A 261 5.67 -27.49 21.46
CA THR A 261 6.61 -27.54 20.33
C THR A 261 6.27 -26.46 19.30
N HIS A 262 4.99 -26.19 19.10
CA HIS A 262 4.56 -25.19 18.13
C HIS A 262 4.17 -23.88 18.80
N PHE A 263 4.37 -22.79 18.08
CA PHE A 263 3.73 -21.54 18.42
C PHE A 263 3.24 -20.86 17.16
N VAL A 264 2.33 -19.91 17.32
CA VAL A 264 1.73 -19.23 16.20
C VAL A 264 1.93 -17.73 16.34
N SER A 265 2.15 -17.06 15.21
CA SER A 265 2.33 -15.61 15.20
C SER A 265 1.39 -14.92 14.20
N SER A 266 1.04 -13.68 14.50
CA SER A 266 0.19 -12.87 13.63
C SER A 266 0.81 -11.50 13.45
N SER A 267 0.50 -10.85 12.33
CA SER A 267 1.19 -9.63 11.96
C SER A 267 0.37 -8.64 11.14
N SER A 268 0.86 -7.39 11.14
CA SER A 268 0.31 -6.33 10.32
C SER A 268 0.32 -6.68 8.85
N ASP A 269 1.25 -7.56 8.46
CA ASP A 269 1.39 -7.97 7.05
C ASP A 269 0.27 -8.89 6.61
N LYS A 270 -0.75 -9.06 7.45
CA LYS A 270 -2.01 -9.73 7.07
C LYS A 270 -1.92 -11.27 7.14
N SER A 271 -0.83 -11.78 7.70
CA SER A 271 -0.59 -13.22 7.72
C SER A 271 -0.57 -13.77 9.12
N VAL A 272 -0.85 -15.07 9.21
CA VAL A 272 -0.77 -15.84 10.43
C VAL A 272 0.21 -17.01 10.18
N LYS A 273 1.22 -17.14 11.03
CA LYS A 273 2.25 -18.17 10.84
C LYS A 273 2.36 -19.14 12.02
N VAL A 274 2.54 -20.43 11.69
CA VAL A 274 2.77 -21.50 12.68
C VAL A 274 4.25 -21.92 12.62
N TRP A 275 4.89 -21.95 13.78
CA TRP A 275 6.33 -22.20 13.90
C TRP A 275 6.65 -23.48 14.69
N ASP A 276 7.83 -24.05 14.42
CA ASP A 276 8.34 -25.21 15.13
C ASP A 276 9.47 -24.76 16.06
N VAL A 277 9.21 -24.69 17.37
CA VAL A 277 10.20 -24.22 18.36
C VAL A 277 11.57 -24.90 18.24
N GLY A 278 11.57 -26.20 17.98
CA GLY A 278 12.80 -26.98 17.91
C GLY A 278 13.66 -26.67 16.68
N THR A 279 13.04 -26.72 15.50
CA THR A 279 13.75 -26.46 14.24
C THR A 279 13.82 -24.97 13.91
N ARG A 280 13.06 -24.14 14.62
CA ARG A 280 13.01 -22.69 14.38
C ARG A 280 12.59 -22.33 12.94
N THR A 281 11.70 -23.13 12.35
CA THR A 281 11.23 -22.90 10.98
C THR A 281 9.69 -22.84 10.89
N CYS A 282 9.23 -22.21 9.81
CA CYS A 282 7.82 -22.04 9.54
C CYS A 282 7.23 -23.33 8.99
N VAL A 283 6.14 -23.80 9.59
CA VAL A 283 5.43 -25.01 9.13
C VAL A 283 4.21 -24.67 8.27
N HIS A 284 3.64 -23.48 8.47
CA HIS A 284 2.46 -23.06 7.72
C HIS A 284 2.21 -21.56 7.84
N THR A 285 1.63 -21.01 6.78
CA THR A 285 1.16 -19.63 6.77
C THR A 285 -0.25 -19.60 6.20
N PHE A 286 -1.12 -18.83 6.86
CA PHE A 286 -2.46 -18.53 6.35
C PHE A 286 -2.45 -17.07 5.87
N PHE A 287 -2.94 -16.85 4.64
CA PHE A 287 -3.00 -15.51 4.03
C PHE A 287 -4.43 -14.99 3.80
N ASP A 288 -5.45 -15.65 4.35
CA ASP A 288 -6.85 -15.27 4.05
C ASP A 288 -7.42 -14.08 4.86
N HIS A 289 -6.55 -13.32 5.52
CA HIS A 289 -6.93 -12.05 6.13
C HIS A 289 -6.60 -10.90 5.19
N GLN A 290 -7.47 -9.88 5.16
CA GLN A 290 -7.27 -8.69 4.29
C GLN A 290 -6.76 -7.46 5.05
N ASP A 291 -6.40 -7.61 6.34
CA ASP A 291 -5.85 -6.51 7.14
C ASP A 291 -5.04 -7.05 8.34
N GLN A 292 -4.56 -6.16 9.20
CA GLN A 292 -3.73 -6.54 10.35
C GLN A 292 -4.39 -7.61 11.20
N VAL A 293 -3.65 -8.67 11.50
CA VAL A 293 -4.11 -9.71 12.39
C VAL A 293 -3.48 -9.49 13.79
N TRP A 294 -4.32 -9.17 14.78
CA TRP A 294 -3.88 -8.71 16.12
C TRP A 294 -3.82 -9.81 17.14
N GLY A 295 -4.62 -10.86 16.94
CA GLY A 295 -4.82 -11.88 17.96
C GLY A 295 -4.81 -13.27 17.40
N VAL A 296 -4.04 -14.15 18.05
CA VAL A 296 -4.07 -15.57 17.79
C VAL A 296 -3.90 -16.36 19.08
N LYS A 297 -4.60 -17.48 19.18
CA LYS A 297 -4.46 -18.43 20.27
C LYS A 297 -4.72 -19.82 19.73
N TYR A 298 -4.12 -20.82 20.38
CA TYR A 298 -4.50 -22.23 20.17
C TYR A 298 -5.59 -22.56 21.15
N ASN A 299 -6.47 -23.48 20.78
CA ASN A 299 -7.44 -24.02 21.75
C ASN A 299 -6.75 -24.98 22.75
N GLY A 300 -7.55 -25.71 23.53
CA GLY A 300 -7.03 -26.51 24.62
C GLY A 300 -6.19 -27.73 24.23
N ASN A 301 -6.51 -28.34 23.10
CA ASN A 301 -5.78 -29.54 22.65
C ASN A 301 -4.89 -29.26 21.42
N GLY A 302 -4.67 -27.98 21.11
CA GLY A 302 -3.78 -27.56 20.02
C GLY A 302 -4.22 -28.01 18.63
N SER A 303 -5.49 -28.39 18.48
CA SER A 303 -6.01 -28.84 17.19
C SER A 303 -6.70 -27.69 16.41
N LYS A 304 -6.92 -26.56 17.08
CA LYS A 304 -7.48 -25.37 16.44
C LYS A 304 -6.70 -24.11 16.82
N ILE A 305 -6.64 -23.18 15.88
CA ILE A 305 -6.15 -21.81 16.11
C ILE A 305 -7.25 -20.81 15.83
N VAL A 306 -7.39 -19.79 16.67
CA VAL A 306 -8.31 -18.69 16.40
C VAL A 306 -7.50 -17.43 16.08
N SER A 307 -8.00 -16.65 15.12
CA SER A 307 -7.37 -15.41 14.70
C SER A 307 -8.39 -14.31 14.52
N VAL A 308 -8.04 -13.11 15.01
CA VAL A 308 -8.86 -11.90 14.89
C VAL A 308 -7.99 -10.70 14.45
N GLY A 309 -8.62 -9.67 13.89
CA GLY A 309 -7.88 -8.50 13.44
C GLY A 309 -8.72 -7.28 13.06
N ASP A 310 -8.13 -6.43 12.22
CA ASP A 310 -8.75 -5.19 11.75
C ASP A 310 -9.91 -5.46 10.80
N ASP A 311 -9.90 -6.60 10.10
CA ASP A 311 -10.98 -6.91 9.15
C ASP A 311 -12.29 -7.36 9.84
N GLN A 312 -12.31 -7.39 11.18
CA GLN A 312 -13.52 -7.65 11.98
C GLN A 312 -14.05 -9.08 11.83
N GLU A 313 -13.20 -10.01 11.44
CA GLU A 313 -13.64 -11.39 11.25
C GLU A 313 -12.98 -12.24 12.31
N ILE A 314 -13.62 -13.36 12.66
CA ILE A 314 -12.96 -14.38 13.43
C ILE A 314 -12.74 -15.59 12.52
N HIS A 315 -11.48 -16.01 12.40
CA HIS A 315 -11.12 -17.22 11.68
C HIS A 315 -10.70 -18.29 12.68
N ILE A 316 -11.14 -19.53 12.43
CA ILE A 316 -10.71 -20.68 13.19
C ILE A 316 -10.04 -21.64 12.22
N TYR A 317 -8.78 -21.98 12.51
CA TYR A 317 -7.99 -22.88 11.66
C TYR A 317 -7.85 -24.27 12.29
N ASP A 318 -7.86 -25.29 11.45
CA ASP A 318 -7.68 -26.70 11.89
C ASP A 318 -6.19 -27.08 11.81
N CYS A 319 -5.70 -27.77 12.85
CA CYS A 319 -4.31 -28.23 12.88
C CYS A 319 -4.28 -29.74 13.06
N PRO A 320 -3.24 -30.39 12.51
CA PRO A 320 -3.06 -31.83 12.76
C PRO A 320 -2.33 -32.11 14.10
N TYR B 21 22.53 -6.67 -10.05
CA TYR B 21 22.05 -8.09 -9.89
C TYR B 21 22.54 -8.66 -8.57
N GLY B 22 21.71 -9.51 -7.95
CA GLY B 22 22.13 -10.20 -6.73
C GLY B 22 21.10 -11.16 -6.16
N ILE B 23 21.57 -12.07 -5.33
CA ILE B 23 20.72 -13.00 -4.59
C ILE B 23 19.88 -12.20 -3.57
N LEU B 24 18.56 -12.37 -3.63
CA LEU B 24 17.64 -11.63 -2.76
C LEU B 24 17.03 -12.50 -1.65
N PHE B 25 16.65 -13.72 -2.01
CA PHE B 25 16.02 -14.63 -1.06
C PHE B 25 16.31 -16.09 -1.42
N LYS B 26 16.66 -16.89 -0.42
CA LYS B 26 16.98 -18.31 -0.61
C LYS B 26 16.07 -19.18 0.27
N GLN B 27 15.26 -20.04 -0.35
CA GLN B 27 14.42 -20.97 0.37
C GLN B 27 15.04 -22.38 0.29
N GLU B 28 15.67 -22.81 1.38
CA GLU B 28 16.26 -24.16 1.44
C GLU B 28 15.18 -25.23 1.63
N GLN B 29 15.48 -26.45 1.21
CA GLN B 29 14.52 -27.56 1.30
C GLN B 29 13.06 -27.14 0.99
N ALA B 30 12.88 -26.41 -0.10
CA ALA B 30 11.53 -26.10 -0.60
C ALA B 30 10.77 -27.37 -0.94
N HIS B 31 11.51 -28.37 -1.44
CA HIS B 31 10.95 -29.67 -1.75
C HIS B 31 11.84 -30.75 -1.17
N ASP B 32 11.33 -31.97 -1.17
CA ASP B 32 12.06 -33.13 -0.64
C ASP B 32 12.86 -33.90 -1.68
N ASP B 33 12.71 -33.52 -2.95
CA ASP B 33 13.47 -34.10 -4.06
C ASP B 33 13.75 -33.01 -5.11
N ALA B 34 14.40 -33.39 -6.22
CA ALA B 34 14.68 -32.44 -7.31
C ALA B 34 13.42 -31.68 -7.77
N ILE B 35 13.60 -30.42 -8.14
CA ILE B 35 12.54 -29.53 -8.65
C ILE B 35 12.81 -29.20 -10.11
N TRP B 36 12.03 -29.77 -11.02
CA TRP B 36 12.29 -29.67 -12.46
C TRP B 36 11.65 -28.45 -13.13
N SER B 37 10.72 -27.77 -12.45
CA SER B 37 10.02 -26.68 -13.10
C SER B 37 9.45 -25.66 -12.14
N VAL B 38 9.26 -24.43 -12.63
CA VAL B 38 8.73 -23.33 -11.85
C VAL B 38 8.02 -22.35 -12.76
N ALA B 39 6.99 -21.71 -12.22
CA ALA B 39 6.25 -20.68 -12.95
C ALA B 39 5.97 -19.52 -12.02
N TRP B 40 6.15 -18.30 -12.53
CA TRP B 40 5.86 -17.08 -11.75
C TRP B 40 4.56 -16.42 -12.23
N GLU B 49 3.43 -12.08 -7.99
CA GLU B 49 2.95 -12.43 -6.65
C GLU B 49 3.04 -13.95 -6.35
N THR B 50 2.62 -14.79 -7.31
CA THR B 50 2.52 -16.26 -7.12
C THR B 50 3.60 -17.06 -7.85
N VAL B 51 4.34 -17.87 -7.10
CA VAL B 51 5.31 -18.80 -7.68
C VAL B 51 4.84 -20.24 -7.48
N VAL B 52 4.87 -21.04 -8.54
CA VAL B 52 4.46 -22.45 -8.51
C VAL B 52 5.68 -23.33 -8.83
N THR B 53 5.91 -24.41 -8.06
CA THR B 53 7.08 -25.27 -8.23
C THR B 53 6.61 -26.71 -8.37
N GLY B 54 7.25 -27.48 -9.25
CA GLY B 54 6.94 -28.90 -9.43
C GLY B 54 8.15 -29.75 -9.09
N SER B 55 7.95 -30.83 -8.34
CA SER B 55 9.06 -31.65 -7.86
C SER B 55 8.81 -33.13 -8.01
N LEU B 56 9.91 -33.86 -7.98
CA LEU B 56 9.91 -35.33 -7.99
C LEU B 56 9.41 -35.94 -6.69
N ASP B 57 9.32 -35.13 -5.61
CA ASP B 57 8.65 -35.56 -4.38
C ASP B 57 7.11 -35.68 -4.56
N ASP B 58 6.61 -35.39 -5.77
CA ASP B 58 5.21 -35.58 -6.17
C ASP B 58 4.33 -34.32 -5.95
N LEU B 59 4.85 -33.34 -5.21
CA LEU B 59 4.06 -32.19 -4.80
C LEU B 59 4.19 -31.05 -5.78
N VAL B 60 3.15 -30.23 -5.85
CA VAL B 60 3.17 -28.92 -6.52
C VAL B 60 2.95 -27.93 -5.42
N LYS B 61 3.85 -26.99 -5.24
CA LYS B 61 3.66 -26.02 -4.19
C LYS B 61 3.43 -24.66 -4.77
N VAL B 62 2.70 -23.84 -4.03
CA VAL B 62 2.44 -22.50 -4.43
C VAL B 62 2.97 -21.59 -3.34
N TRP B 63 3.77 -20.61 -3.77
CA TRP B 63 4.46 -19.69 -2.88
C TRP B 63 4.00 -18.27 -3.19
N LYS B 64 3.93 -17.46 -2.16
CA LYS B 64 3.54 -16.06 -2.30
C LYS B 64 4.80 -15.21 -2.22
N TRP B 65 5.10 -14.49 -3.29
CA TRP B 65 6.15 -13.47 -3.28
C TRP B 65 5.48 -12.15 -2.92
N ARG B 66 5.85 -11.59 -1.79
CA ARG B 66 5.31 -10.34 -1.30
C ARG B 66 6.30 -9.70 -0.35
N ASP B 67 6.46 -8.39 -0.48
CA ASP B 67 7.40 -7.62 0.33
C ASP B 67 8.73 -8.37 0.52
N GLU B 68 9.39 -8.68 -0.59
CA GLU B 68 10.78 -9.20 -0.59
C GLU B 68 10.96 -10.63 -0.01
N ARG B 69 9.88 -11.27 0.42
CA ARG B 69 9.94 -12.58 1.05
C ARG B 69 9.15 -13.59 0.23
N LEU B 70 9.59 -14.85 0.27
CA LEU B 70 8.86 -15.95 -0.34
C LEU B 70 8.28 -16.82 0.78
N ASP B 71 6.94 -16.96 0.80
CA ASP B 71 6.25 -17.75 1.81
C ASP B 71 5.31 -18.77 1.18
N LEU B 72 5.36 -20.01 1.69
CA LEU B 72 4.55 -21.09 1.17
C LEU B 72 3.08 -20.88 1.54
N GLN B 73 2.21 -21.05 0.55
CA GLN B 73 0.78 -20.85 0.71
C GLN B 73 0.07 -22.18 0.66
N TRP B 74 0.17 -22.86 -0.50
CA TRP B 74 -0.49 -24.14 -0.73
C TRP B 74 0.52 -25.25 -0.96
N SER B 75 0.22 -26.42 -0.39
CA SER B 75 0.91 -27.65 -0.73
C SER B 75 -0.09 -28.56 -1.46
N LEU B 76 0.11 -28.78 -2.74
CA LEU B 76 -0.91 -29.42 -3.58
C LEU B 76 -0.64 -30.91 -3.80
N GLU B 77 -1.45 -31.76 -3.16
CA GLU B 77 -1.29 -33.21 -3.24
C GLU B 77 -2.28 -33.81 -4.22
N GLY B 78 -1.85 -34.84 -4.93
CA GLY B 78 -2.73 -35.55 -5.88
C GLY B 78 -1.96 -36.47 -6.81
N HIS B 79 -0.84 -35.99 -7.33
CA HIS B 79 0.00 -36.77 -8.21
C HIS B 79 0.58 -37.98 -7.49
N GLN B 80 0.63 -39.12 -8.17
CA GLN B 80 1.10 -40.35 -7.57
C GLN B 80 2.62 -40.56 -7.74
N LEU B 81 3.21 -39.87 -8.72
CA LEU B 81 4.67 -39.88 -8.94
C LEU B 81 5.16 -38.45 -9.22
N GLY B 82 6.48 -38.30 -9.40
CA GLY B 82 7.14 -37.01 -9.54
C GLY B 82 6.53 -36.06 -10.56
N VAL B 83 6.53 -34.77 -10.21
CA VAL B 83 6.01 -33.75 -11.10
C VAL B 83 7.09 -33.31 -12.05
N VAL B 84 6.73 -33.33 -13.34
CA VAL B 84 7.66 -33.07 -14.43
C VAL B 84 7.64 -31.60 -14.80
N SER B 85 6.45 -31.01 -14.83
CA SER B 85 6.29 -29.67 -15.35
C SER B 85 5.07 -28.98 -14.74
N VAL B 86 5.18 -27.67 -14.55
CA VAL B 86 4.05 -26.85 -14.07
C VAL B 86 3.94 -25.59 -14.92
N ASP B 87 2.76 -24.97 -14.94
CA ASP B 87 2.60 -23.64 -15.52
C ASP B 87 1.45 -22.90 -14.83
N ILE B 88 1.45 -21.57 -14.93
CA ILE B 88 0.38 -20.72 -14.41
C ILE B 88 -0.32 -20.05 -15.57
N SER B 89 -1.65 -20.01 -15.54
CA SER B 89 -2.39 -19.18 -16.49
C SER B 89 -2.08 -17.70 -16.23
N HIS B 90 -1.97 -16.93 -17.32
CA HIS B 90 -1.77 -15.47 -17.21
C HIS B 90 -3.08 -14.71 -16.93
N THR B 91 -4.22 -15.31 -17.27
CA THR B 91 -5.51 -14.63 -17.14
C THR B 91 -6.35 -15.16 -15.97
N LEU B 92 -6.29 -16.48 -15.73
CA LEU B 92 -7.04 -17.10 -14.63
C LEU B 92 -6.12 -17.49 -13.44
N PRO B 93 -6.68 -17.55 -12.22
CA PRO B 93 -5.86 -17.94 -11.07
C PRO B 93 -5.81 -19.47 -10.92
N ILE B 94 -5.21 -20.12 -11.93
CA ILE B 94 -5.05 -21.55 -11.94
C ILE B 94 -3.64 -21.92 -12.38
N ALA B 95 -3.27 -23.17 -12.13
CA ALA B 95 -1.99 -23.70 -12.50
C ALA B 95 -2.26 -25.10 -12.97
N ALA B 96 -1.35 -25.64 -13.75
CA ALA B 96 -1.45 -26.98 -14.25
C ALA B 96 -0.15 -27.67 -13.98
N SER B 97 -0.21 -28.98 -13.80
CA SER B 97 0.96 -29.78 -13.60
C SER B 97 0.85 -31.07 -14.41
N SER B 98 2.00 -31.57 -14.87
CA SER B 98 2.10 -32.91 -15.43
C SER B 98 3.09 -33.67 -14.60
N SER B 99 2.98 -34.99 -14.67
CA SER B 99 3.68 -35.85 -13.76
C SER B 99 4.04 -37.15 -14.46
N LEU B 100 5.01 -37.85 -13.88
CA LEU B 100 5.35 -39.21 -14.33
C LEU B 100 4.19 -40.20 -14.18
N ASP B 101 3.19 -39.86 -13.36
CA ASP B 101 1.98 -40.69 -13.20
C ASP B 101 0.96 -40.62 -14.38
N ALA B 102 1.36 -40.03 -15.51
CA ALA B 102 0.53 -40.01 -16.73
C ALA B 102 -0.73 -39.13 -16.63
N HIS B 103 -0.79 -38.27 -15.63
CA HIS B 103 -1.91 -37.36 -15.47
C HIS B 103 -1.47 -35.90 -15.52
N ILE B 104 -2.39 -35.06 -15.97
CA ILE B 104 -2.23 -33.62 -15.89
C ILE B 104 -3.30 -33.16 -14.94
N ARG B 105 -2.90 -32.35 -13.94
CA ARG B 105 -3.81 -31.83 -12.95
C ARG B 105 -3.91 -30.31 -13.05
N LEU B 106 -5.13 -29.80 -12.95
CA LEU B 106 -5.40 -28.38 -12.86
C LEU B 106 -5.63 -28.03 -11.40
N TRP B 107 -5.04 -26.92 -10.93
CA TRP B 107 -5.19 -26.51 -9.53
C TRP B 107 -5.81 -25.12 -9.42
N ASP B 108 -6.71 -24.93 -8.46
CA ASP B 108 -7.24 -23.62 -8.14
C ASP B 108 -6.31 -22.90 -7.15
N LEU B 109 -5.73 -21.80 -7.58
CA LEU B 109 -4.74 -21.08 -6.76
C LEU B 109 -5.33 -20.20 -5.68
N GLU B 110 -6.65 -19.98 -5.73
CA GLU B 110 -7.35 -19.18 -4.73
C GLU B 110 -7.57 -19.94 -3.42
N ASN B 111 -7.90 -21.23 -3.51
CA ASN B 111 -8.19 -22.05 -2.34
C ASN B 111 -7.33 -23.31 -2.22
N GLY B 112 -6.39 -23.51 -3.14
CA GLY B 112 -5.48 -24.65 -3.06
C GLY B 112 -6.16 -26.00 -3.23
N LYS B 113 -7.12 -26.08 -4.11
CA LYS B 113 -7.84 -27.31 -4.35
C LYS B 113 -7.65 -27.71 -5.80
N GLN B 114 -7.71 -29.00 -6.05
CA GLN B 114 -7.64 -29.51 -7.39
C GLN B 114 -8.94 -29.22 -8.13
N ILE B 115 -8.83 -28.72 -9.35
CA ILE B 115 -9.99 -28.47 -10.19
C ILE B 115 -10.38 -29.76 -10.91
N LYS B 116 -9.41 -30.39 -11.57
CA LYS B 116 -9.62 -31.65 -12.29
C LYS B 116 -8.30 -32.36 -12.64
N SER B 117 -8.43 -33.59 -13.14
CA SER B 117 -7.31 -34.45 -13.50
C SER B 117 -7.55 -35.04 -14.90
N ILE B 118 -6.58 -34.92 -15.80
CA ILE B 118 -6.72 -35.47 -17.15
C ILE B 118 -5.71 -36.58 -17.43
N ASP B 119 -6.22 -37.77 -17.76
CA ASP B 119 -5.37 -38.90 -18.18
C ASP B 119 -4.76 -38.58 -19.54
N ALA B 120 -3.49 -38.19 -19.50
CA ALA B 120 -2.70 -37.89 -20.70
C ALA B 120 -2.27 -39.18 -21.36
N GLY B 121 -1.91 -40.17 -20.55
CA GLY B 121 -1.46 -41.46 -21.04
C GLY B 121 0.00 -41.71 -20.67
N PRO B 122 0.43 -42.97 -20.77
CA PRO B 122 1.77 -43.35 -20.28
C PRO B 122 2.90 -42.66 -21.05
N VAL B 123 3.70 -41.87 -20.34
CA VAL B 123 4.75 -41.04 -20.94
C VAL B 123 4.22 -40.18 -22.13
N ASP B 124 2.95 -39.77 -22.06
CA ASP B 124 2.35 -38.87 -23.05
C ASP B 124 2.11 -37.49 -22.43
N ALA B 125 2.94 -37.13 -21.45
CA ALA B 125 2.80 -35.88 -20.73
C ALA B 125 4.13 -35.47 -20.11
N TRP B 126 4.91 -34.67 -20.82
CA TRP B 126 6.20 -34.24 -20.31
C TRP B 126 6.09 -32.77 -19.89
N THR B 127 6.37 -31.83 -20.78
CA THR B 127 6.25 -30.44 -20.43
C THR B 127 4.89 -29.88 -20.81
N LEU B 128 4.39 -28.99 -19.96
CA LEU B 128 3.09 -28.35 -20.09
C LEU B 128 3.26 -26.90 -20.44
N ALA B 129 2.37 -26.38 -21.27
CA ALA B 129 2.22 -24.94 -21.40
C ALA B 129 0.78 -24.56 -21.71
N PHE B 130 0.26 -23.60 -20.94
CA PHE B 130 -1.00 -22.93 -21.25
C PHE B 130 -0.86 -22.10 -22.52
N SER B 131 -1.89 -22.07 -23.35
CA SER B 131 -1.94 -21.09 -24.44
C SER B 131 -2.10 -19.67 -23.83
N PRO B 132 -1.82 -18.61 -24.62
CA PRO B 132 -2.02 -17.23 -24.12
C PRO B 132 -3.39 -16.95 -23.51
N ASP B 133 -4.45 -17.50 -24.10
CA ASP B 133 -5.83 -17.29 -23.61
C ASP B 133 -6.29 -18.32 -22.57
N SER B 134 -5.42 -19.30 -22.28
CA SER B 134 -5.66 -20.29 -21.23
C SER B 134 -6.91 -21.18 -21.46
N GLN B 135 -7.39 -21.22 -22.70
CA GLN B 135 -8.44 -22.18 -23.08
C GLN B 135 -7.82 -23.57 -23.29
N TYR B 136 -6.53 -23.61 -23.60
CA TYR B 136 -5.86 -24.84 -23.94
C TYR B 136 -4.59 -25.06 -23.12
N LEU B 137 -4.24 -26.34 -22.99
CA LEU B 137 -3.04 -26.77 -22.31
C LEU B 137 -2.27 -27.71 -23.23
N ALA B 138 -1.06 -27.30 -23.63
CA ALA B 138 -0.24 -28.06 -24.54
C ALA B 138 0.74 -28.93 -23.75
N THR B 139 0.96 -30.15 -24.25
CA THR B 139 1.88 -31.08 -23.62
C THR B 139 2.65 -31.88 -24.68
N GLY B 140 3.93 -32.10 -24.44
CA GLY B 140 4.76 -32.88 -25.37
C GLY B 140 4.78 -34.33 -24.99
N THR B 141 4.78 -35.22 -25.98
CA THR B 141 4.73 -36.67 -25.72
C THR B 141 6.00 -37.40 -26.16
N HIS B 142 6.11 -38.66 -25.74
CA HIS B 142 7.22 -39.52 -26.12
C HIS B 142 7.08 -40.01 -27.56
N VAL B 143 5.86 -39.93 -28.09
CA VAL B 143 5.56 -40.42 -29.45
C VAL B 143 5.80 -39.39 -30.55
N GLY B 144 6.33 -38.23 -30.20
CA GLY B 144 6.63 -37.18 -31.19
C GLY B 144 5.48 -36.23 -31.45
N LYS B 145 4.48 -36.23 -30.57
CA LYS B 145 3.33 -35.36 -30.69
C LYS B 145 3.28 -34.30 -29.60
N VAL B 146 2.59 -33.20 -29.91
CA VAL B 146 2.19 -32.24 -28.90
C VAL B 146 0.70 -32.36 -28.79
N ASN B 147 0.23 -32.78 -27.61
CA ASN B 147 -1.18 -32.92 -27.36
C ASN B 147 -1.72 -31.65 -26.74
N ILE B 148 -2.83 -31.16 -27.30
CA ILE B 148 -3.48 -29.95 -26.81
C ILE B 148 -4.79 -30.31 -26.16
N PHE B 149 -4.87 -30.02 -24.87
CA PHE B 149 -6.07 -30.33 -24.09
C PHE B 149 -6.84 -29.06 -23.83
N GLY B 150 -8.18 -29.17 -23.81
CA GLY B 150 -9.05 -28.05 -23.43
C GLY B 150 -9.13 -27.96 -21.90
N VAL B 151 -8.94 -26.75 -21.38
CA VAL B 151 -8.96 -26.51 -19.95
C VAL B 151 -10.34 -26.79 -19.35
N GLU B 152 -11.40 -26.28 -19.99
CA GLU B 152 -12.75 -26.46 -19.48
C GLU B 152 -13.32 -27.85 -19.81
N SER B 153 -12.94 -28.42 -20.94
CA SER B 153 -13.48 -29.73 -21.35
C SER B 153 -12.77 -30.87 -20.60
N GLY B 154 -11.46 -30.75 -20.44
CA GLY B 154 -10.66 -31.79 -19.81
C GLY B 154 -10.30 -32.92 -20.74
N LYS B 155 -10.51 -32.72 -22.04
CA LYS B 155 -10.27 -33.76 -23.05
C LYS B 155 -9.25 -33.30 -24.08
N LYS B 156 -8.52 -34.26 -24.66
CA LYS B 156 -7.65 -34.01 -25.81
C LYS B 156 -8.51 -33.47 -26.95
N GLU B 157 -8.28 -32.20 -27.31
CA GLU B 157 -9.08 -31.48 -28.31
C GLU B 157 -8.47 -31.56 -29.70
N TYR B 158 -7.15 -31.38 -29.78
CA TYR B 158 -6.42 -31.72 -31.00
C TYR B 158 -4.94 -32.05 -30.73
N SER B 159 -4.21 -32.40 -31.79
CA SER B 159 -2.83 -32.83 -31.67
C SER B 159 -1.97 -32.32 -32.81
N LEU B 160 -0.73 -32.00 -32.50
CA LEU B 160 0.26 -31.64 -33.50
C LEU B 160 1.23 -32.81 -33.64
N ASP B 161 1.61 -33.15 -34.87
CA ASP B 161 2.46 -34.31 -35.13
C ASP B 161 3.74 -33.94 -35.89
N THR B 162 4.88 -34.11 -35.21
CA THR B 162 6.19 -33.90 -35.84
C THR B 162 6.70 -35.14 -36.60
N ARG B 163 5.97 -36.25 -36.53
CA ARG B 163 6.44 -37.54 -37.08
C ARG B 163 7.87 -37.88 -36.59
N GLY B 164 8.17 -37.53 -35.34
CA GLY B 164 9.55 -37.57 -34.83
C GLY B 164 9.74 -38.27 -33.50
N LYS B 165 10.61 -37.71 -32.65
CA LYS B 165 11.04 -38.36 -31.41
C LYS B 165 10.56 -37.64 -30.16
N PHE B 166 10.89 -38.23 -29.01
CA PHE B 166 10.52 -37.68 -27.71
C PHE B 166 10.60 -36.16 -27.72
N ILE B 167 9.49 -35.51 -27.40
CA ILE B 167 9.42 -34.06 -27.32
C ILE B 167 9.65 -33.63 -25.86
N LEU B 168 10.77 -32.95 -25.63
CA LEU B 168 11.22 -32.57 -24.30
C LEU B 168 10.87 -31.13 -23.95
N SER B 169 10.34 -30.38 -24.90
CA SER B 169 10.01 -28.97 -24.68
C SER B 169 9.04 -28.46 -25.75
N ILE B 170 8.23 -27.51 -25.34
CA ILE B 170 7.23 -26.88 -26.19
C ILE B 170 7.14 -25.41 -25.80
N ALA B 171 6.60 -24.58 -26.68
CA ALA B 171 6.35 -23.18 -26.31
C ALA B 171 5.31 -22.55 -27.23
N TYR B 172 4.42 -21.77 -26.63
CA TYR B 172 3.52 -20.93 -27.39
C TYR B 172 4.17 -19.59 -27.60
N SER B 173 4.00 -19.03 -28.79
CA SER B 173 4.32 -17.63 -28.99
C SER B 173 3.21 -16.82 -28.33
N PRO B 174 3.58 -15.76 -27.58
CA PRO B 174 2.62 -14.81 -26.99
C PRO B 174 1.54 -14.26 -27.94
N ASP B 175 1.92 -13.95 -29.18
CA ASP B 175 0.97 -13.42 -30.20
C ASP B 175 -0.10 -14.45 -30.60
N GLY B 176 0.07 -15.70 -30.15
CA GLY B 176 -0.91 -16.72 -30.33
C GLY B 176 -0.90 -17.31 -31.73
N LYS B 177 0.20 -17.11 -32.47
CA LYS B 177 0.29 -17.55 -33.85
C LYS B 177 0.92 -18.94 -34.01
N TYR B 178 1.87 -19.28 -33.13
CA TYR B 178 2.69 -20.48 -33.31
C TYR B 178 2.90 -21.31 -32.04
N LEU B 179 3.15 -22.61 -32.23
CA LEU B 179 3.69 -23.46 -31.17
C LEU B 179 4.96 -24.12 -31.70
N ALA B 180 6.01 -24.11 -30.88
CA ALA B 180 7.27 -24.75 -31.22
C ALA B 180 7.57 -25.89 -30.25
N SER B 181 8.17 -26.96 -30.77
CA SER B 181 8.61 -28.10 -29.96
C SER B 181 10.11 -28.35 -30.15
N GLY B 182 10.74 -28.89 -29.11
CA GLY B 182 12.14 -29.30 -29.17
C GLY B 182 12.23 -30.77 -28.84
N ALA B 183 12.91 -31.54 -29.69
CA ALA B 183 12.96 -33.00 -29.57
C ALA B 183 14.26 -33.48 -28.96
N ILE B 184 14.27 -34.76 -28.55
CA ILE B 184 15.42 -35.40 -27.93
C ILE B 184 16.55 -35.64 -28.93
N ASP B 185 16.21 -35.77 -30.21
CA ASP B 185 17.23 -35.88 -31.27
C ASP B 185 17.58 -34.52 -31.91
N GLY B 186 17.19 -33.42 -31.26
CA GLY B 186 17.58 -32.08 -31.66
C GLY B 186 16.77 -31.38 -32.75
N ILE B 187 15.68 -31.99 -33.20
CA ILE B 187 14.80 -31.36 -34.17
C ILE B 187 13.85 -30.36 -33.49
N ILE B 188 13.69 -29.19 -34.13
CA ILE B 188 12.75 -28.17 -33.70
C ILE B 188 11.65 -28.00 -34.73
N ASN B 189 10.41 -27.94 -34.27
CA ASN B 189 9.31 -27.71 -35.17
C ASN B 189 8.45 -26.53 -34.76
N ILE B 190 8.08 -25.71 -35.75
CA ILE B 190 7.19 -24.57 -35.58
C ILE B 190 5.86 -24.87 -36.28
N PHE B 191 4.77 -24.96 -35.51
CA PHE B 191 3.43 -25.24 -36.04
C PHE B 191 2.57 -23.97 -36.14
N ASP B 192 1.67 -23.93 -37.13
CA ASP B 192 0.63 -22.91 -37.18
C ASP B 192 -0.50 -23.35 -36.26
N ILE B 193 -0.65 -22.68 -35.11
CA ILE B 193 -1.66 -23.08 -34.12
C ILE B 193 -3.08 -23.00 -34.67
N ALA B 194 -3.33 -22.05 -35.55
CA ALA B 194 -4.67 -21.80 -36.10
C ALA B 194 -5.08 -22.75 -37.24
N THR B 195 -4.10 -23.49 -37.76
CA THR B 195 -4.33 -24.44 -38.87
C THR B 195 -3.87 -25.86 -38.54
N GLY B 196 -2.95 -26.00 -37.59
CA GLY B 196 -2.43 -27.30 -37.17
C GLY B 196 -1.27 -27.79 -38.02
N LYS B 197 -0.86 -27.00 -39.01
CA LYS B 197 0.12 -27.45 -40.00
C LYS B 197 1.53 -27.24 -39.49
N LEU B 198 2.42 -28.17 -39.85
CA LEU B 198 3.84 -27.95 -39.60
C LEU B 198 4.29 -26.90 -40.60
N LEU B 199 4.94 -25.84 -40.11
CA LEU B 199 5.43 -24.77 -40.99
C LEU B 199 6.92 -24.93 -41.29
N HIS B 200 7.71 -25.27 -40.28
CA HIS B 200 9.16 -25.43 -40.42
C HIS B 200 9.70 -26.52 -39.53
N THR B 201 10.79 -27.14 -40.00
CA THR B 201 11.54 -28.11 -39.23
C THR B 201 13.01 -27.70 -39.32
N LEU B 202 13.63 -27.41 -38.19
CA LEU B 202 15.02 -26.97 -38.17
C LEU B 202 15.92 -28.13 -37.74
N GLU B 203 16.91 -28.46 -38.56
CA GLU B 203 17.86 -29.52 -38.21
C GLU B 203 18.65 -29.06 -37.01
N GLY B 204 19.18 -27.84 -37.08
CA GLY B 204 19.81 -27.18 -35.93
C GLY B 204 20.75 -28.11 -35.16
N HIS B 205 20.47 -28.29 -33.87
CA HIS B 205 21.30 -29.17 -33.03
C HIS B 205 21.22 -30.67 -33.46
N ALA B 206 21.99 -31.52 -32.77
CA ALA B 206 21.82 -32.97 -32.86
C ALA B 206 21.66 -33.61 -31.45
N MET B 207 21.73 -32.77 -30.42
CA MET B 207 21.56 -33.19 -29.04
C MET B 207 20.17 -32.82 -28.57
N PRO B 208 19.70 -33.43 -27.46
CA PRO B 208 18.42 -33.04 -26.89
C PRO B 208 18.28 -31.53 -26.70
N ILE B 209 17.07 -31.03 -26.92
CA ILE B 209 16.70 -29.63 -26.72
C ILE B 209 15.63 -29.59 -25.63
N ARG B 210 16.07 -29.35 -24.40
CA ARG B 210 15.19 -29.46 -23.25
C ARG B 210 14.39 -28.19 -22.96
N SER B 211 14.56 -27.16 -23.76
CA SER B 211 13.78 -25.94 -23.56
C SER B 211 13.83 -25.03 -24.74
N LEU B 212 12.69 -24.42 -25.05
CA LEU B 212 12.69 -23.31 -25.95
C LEU B 212 11.66 -22.31 -25.50
N THR B 213 11.82 -21.07 -25.95
CA THR B 213 10.90 -20.02 -25.60
C THR B 213 10.87 -18.93 -26.66
N PHE B 214 9.69 -18.35 -26.83
CA PHE B 214 9.51 -17.20 -27.68
C PHE B 214 9.74 -15.93 -26.88
N SER B 215 10.22 -14.88 -27.56
CA SER B 215 10.35 -13.58 -26.94
C SER B 215 8.96 -12.96 -26.80
N PRO B 216 8.80 -12.01 -25.87
CA PRO B 216 7.50 -11.32 -25.71
C PRO B 216 6.88 -10.80 -27.03
N ASP B 217 7.70 -10.30 -27.95
CA ASP B 217 7.19 -9.77 -29.24
C ASP B 217 6.96 -10.86 -30.31
N SER B 218 7.20 -12.13 -29.94
CA SER B 218 6.90 -13.30 -30.80
C SER B 218 7.72 -13.36 -32.10
N GLN B 219 8.88 -12.71 -32.10
CA GLN B 219 9.73 -12.62 -33.30
C GLN B 219 10.99 -13.48 -33.18
N LEU B 220 11.45 -13.72 -31.94
CA LEU B 220 12.62 -14.53 -31.70
C LEU B 220 12.27 -15.84 -31.01
N LEU B 221 12.99 -16.91 -31.35
CA LEU B 221 12.82 -18.22 -30.72
C LEU B 221 14.16 -18.68 -30.18
N VAL B 222 14.26 -18.83 -28.87
CA VAL B 222 15.52 -19.19 -28.22
C VAL B 222 15.45 -20.63 -27.74
N THR B 223 16.39 -21.45 -28.17
CA THR B 223 16.41 -22.85 -27.81
C THR B 223 17.68 -23.18 -27.04
N ALA B 224 17.55 -24.08 -26.07
CA ALA B 224 18.66 -24.52 -25.21
C ALA B 224 18.97 -25.96 -25.57
N SER B 225 20.21 -26.41 -25.35
CA SER B 225 20.55 -27.77 -25.73
C SER B 225 21.55 -28.42 -24.81
N ASP B 226 21.58 -29.75 -24.86
CA ASP B 226 22.56 -30.56 -24.14
C ASP B 226 23.98 -30.22 -24.56
N ASP B 227 24.19 -29.76 -25.80
CA ASP B 227 25.56 -29.36 -26.23
C ASP B 227 26.11 -28.09 -25.54
N GLY B 228 25.27 -27.39 -24.77
CA GLY B 228 25.72 -26.25 -23.98
C GLY B 228 25.59 -24.93 -24.71
N TYR B 229 25.17 -24.99 -25.97
CA TYR B 229 24.89 -23.82 -26.77
C TYR B 229 23.43 -23.36 -26.61
N ILE B 230 23.21 -22.06 -26.82
CA ILE B 230 21.87 -21.51 -26.93
C ILE B 230 21.74 -20.95 -28.34
N LYS B 231 20.59 -21.17 -28.98
CA LYS B 231 20.42 -20.72 -30.34
C LYS B 231 19.23 -19.82 -30.45
N ILE B 232 19.39 -18.77 -31.26
CA ILE B 232 18.37 -17.75 -31.47
C ILE B 232 17.92 -17.83 -32.91
N TYR B 233 16.61 -17.98 -33.12
CA TYR B 233 16.08 -18.08 -34.47
C TYR B 233 15.12 -16.94 -34.76
N ASP B 234 15.29 -16.32 -35.93
CA ASP B 234 14.30 -15.39 -36.42
C ASP B 234 13.10 -16.23 -36.84
N VAL B 235 11.92 -15.89 -36.32
CA VAL B 235 10.72 -16.68 -36.55
C VAL B 235 10.17 -16.50 -37.97
N GLN B 236 9.88 -15.27 -38.36
CA GLN B 236 9.28 -14.98 -39.67
C GLN B 236 10.12 -15.55 -40.82
N HIS B 237 11.44 -15.38 -40.73
CA HIS B 237 12.37 -15.84 -41.78
C HIS B 237 12.98 -17.22 -41.47
N ALA B 238 12.55 -17.82 -40.37
CA ALA B 238 12.93 -19.18 -39.99
C ALA B 238 14.45 -19.46 -40.05
N ASN B 239 15.28 -18.44 -39.83
CA ASN B 239 16.74 -18.61 -39.88
C ASN B 239 17.45 -18.37 -38.53
N LEU B 240 18.64 -18.93 -38.43
CA LEU B 240 19.49 -18.83 -37.25
C LEU B 240 20.14 -17.45 -37.20
N ALA B 241 19.91 -16.72 -36.11
CA ALA B 241 20.46 -15.37 -35.95
C ALA B 241 21.82 -15.41 -35.23
N GLY B 242 21.97 -16.34 -34.29
CA GLY B 242 23.23 -16.47 -33.58
C GLY B 242 23.27 -17.63 -32.60
N THR B 243 24.47 -18.08 -32.29
CA THR B 243 24.71 -19.13 -31.30
C THR B 243 25.47 -18.54 -30.11
N LEU B 244 25.07 -18.92 -28.90
CA LEU B 244 25.74 -18.44 -27.69
C LEU B 244 26.44 -19.60 -26.99
N SER B 245 27.74 -19.46 -26.74
CA SER B 245 28.48 -20.37 -25.87
C SER B 245 28.51 -19.71 -24.50
N GLY B 246 28.56 -20.53 -23.45
CA GLY B 246 28.53 -20.00 -22.08
C GLY B 246 28.20 -20.99 -20.98
N HIS B 247 27.42 -22.03 -21.31
CA HIS B 247 27.20 -23.13 -20.36
C HIS B 247 28.21 -24.25 -20.58
N ALA B 248 28.77 -24.80 -19.49
CA ALA B 248 29.78 -25.89 -19.56
C ALA B 248 29.16 -27.31 -19.62
N SER B 249 27.84 -27.41 -19.54
CA SER B 249 27.14 -28.69 -19.69
C SER B 249 25.75 -28.42 -20.23
N TRP B 250 24.81 -29.33 -19.99
CA TRP B 250 23.48 -29.20 -20.60
C TRP B 250 22.82 -27.88 -20.20
N VAL B 251 22.22 -27.20 -21.18
CA VAL B 251 21.36 -26.03 -20.90
C VAL B 251 19.95 -26.60 -20.67
N LEU B 252 19.41 -26.37 -19.47
CA LEU B 252 18.14 -27.00 -19.05
C LEU B 252 16.93 -26.13 -19.22
N ASN B 253 17.12 -24.81 -19.23
CA ASN B 253 16.00 -23.88 -19.30
C ASN B 253 16.40 -22.55 -19.94
N VAL B 254 15.50 -21.97 -20.73
CA VAL B 254 15.63 -20.57 -21.18
C VAL B 254 14.32 -19.82 -20.94
N ALA B 255 14.43 -18.53 -20.62
CA ALA B 255 13.27 -17.77 -20.20
C ALA B 255 13.43 -16.30 -20.50
N PHE B 256 12.46 -15.70 -21.17
CA PHE B 256 12.59 -14.30 -21.59
C PHE B 256 12.20 -13.30 -20.50
N CYS B 257 12.95 -12.21 -20.47
CA CYS B 257 12.62 -11.05 -19.65
C CYS B 257 11.49 -10.31 -20.38
N PRO B 258 10.49 -9.80 -19.64
CA PRO B 258 9.41 -9.04 -20.26
C PRO B 258 9.88 -7.90 -21.17
N ASP B 259 11.01 -7.27 -20.85
CA ASP B 259 11.50 -6.11 -21.63
C ASP B 259 11.98 -6.45 -23.06
N ASP B 260 11.93 -7.73 -23.42
CA ASP B 260 12.20 -8.17 -24.79
C ASP B 260 13.66 -7.95 -25.22
N THR B 261 14.53 -7.60 -24.27
CA THR B 261 15.96 -7.39 -24.55
C THR B 261 16.80 -8.48 -23.89
N HIS B 262 16.38 -8.92 -22.70
CA HIS B 262 17.11 -9.93 -21.93
C HIS B 262 16.44 -11.30 -21.91
N PHE B 263 17.24 -12.32 -21.62
CA PHE B 263 16.70 -13.61 -21.26
C PHE B 263 17.68 -14.34 -20.38
N VAL B 264 17.16 -15.30 -19.60
CA VAL B 264 17.94 -16.03 -18.63
C VAL B 264 18.01 -17.50 -18.99
N SER B 265 19.14 -18.13 -18.68
CA SER B 265 19.32 -19.55 -18.89
C SER B 265 19.92 -20.23 -17.65
N SER B 266 19.62 -21.52 -17.53
CA SER B 266 20.14 -22.33 -16.44
C SER B 266 20.64 -23.65 -16.98
N SER B 267 21.50 -24.31 -16.24
CA SER B 267 22.21 -25.47 -16.76
C SER B 267 22.62 -26.49 -15.71
N SER B 268 22.90 -27.70 -16.19
CA SER B 268 23.50 -28.76 -15.38
C SER B 268 24.80 -28.33 -14.75
N ASP B 269 25.47 -27.36 -15.37
CA ASP B 269 26.76 -26.84 -14.87
C ASP B 269 26.61 -25.99 -13.61
N LYS B 270 25.40 -25.98 -13.03
CA LYS B 270 25.15 -25.39 -11.69
C LYS B 270 25.08 -23.86 -11.71
N SER B 271 24.96 -23.28 -12.89
CA SER B 271 24.99 -21.83 -13.04
C SER B 271 23.69 -21.33 -13.65
N VAL B 272 23.43 -20.05 -13.43
CA VAL B 272 22.30 -19.34 -14.03
C VAL B 272 22.89 -18.10 -14.71
N LYS B 273 22.58 -17.94 -16.00
CA LYS B 273 23.16 -16.89 -16.79
C LYS B 273 22.09 -15.93 -17.32
N VAL B 274 22.45 -14.64 -17.30
CA VAL B 274 21.58 -13.57 -17.83
C VAL B 274 22.21 -13.06 -19.13
N TRP B 275 21.39 -12.94 -20.18
CA TRP B 275 21.88 -12.58 -21.50
C TRP B 275 21.19 -11.32 -22.07
N ASP B 276 21.93 -10.64 -22.96
CA ASP B 276 21.41 -9.51 -23.76
C ASP B 276 21.22 -10.00 -25.20
N VAL B 277 19.98 -10.15 -25.63
CA VAL B 277 19.63 -10.66 -26.99
C VAL B 277 20.30 -9.92 -28.14
N GLY B 278 20.42 -8.59 -28.01
CA GLY B 278 20.92 -7.73 -29.08
C GLY B 278 22.42 -7.77 -29.27
N THR B 279 23.17 -7.82 -28.18
CA THR B 279 24.63 -7.96 -28.25
C THR B 279 25.04 -9.44 -28.21
N ARG B 280 24.10 -10.32 -27.91
CA ARG B 280 24.32 -11.76 -27.80
C ARG B 280 25.43 -12.12 -26.81
N THR B 281 25.53 -11.36 -25.71
CA THR B 281 26.57 -11.62 -24.68
C THR B 281 25.98 -11.76 -23.28
N CYS B 282 26.79 -12.35 -22.40
CA CYS B 282 26.38 -12.66 -21.05
C CYS B 282 26.60 -11.44 -20.16
N VAL B 283 25.52 -10.98 -19.52
CA VAL B 283 25.57 -9.83 -18.64
C VAL B 283 25.89 -10.22 -17.22
N HIS B 284 25.45 -11.42 -16.81
CA HIS B 284 25.63 -11.85 -15.42
C HIS B 284 25.51 -13.37 -15.26
N THR B 285 26.25 -13.87 -14.27
CA THR B 285 26.17 -15.26 -13.86
C THR B 285 26.04 -15.35 -12.34
N PHE B 286 25.07 -16.16 -11.91
CA PHE B 286 24.91 -16.55 -10.51
C PHE B 286 25.45 -17.96 -10.37
N PHE B 287 26.34 -18.18 -9.41
CA PHE B 287 26.97 -19.48 -9.18
C PHE B 287 26.55 -20.14 -7.86
N ASP B 288 25.51 -19.64 -7.20
CA ASP B 288 25.20 -20.10 -5.83
C ASP B 288 24.33 -21.36 -5.73
N HIS B 289 24.24 -22.10 -6.83
CA HIS B 289 23.62 -23.41 -6.81
C HIS B 289 24.71 -24.47 -6.71
N GLN B 290 24.41 -25.57 -6.01
CA GLN B 290 25.37 -26.69 -5.88
C GLN B 290 24.99 -27.91 -6.75
N ASP B 291 23.97 -27.77 -7.61
CA ASP B 291 23.61 -28.86 -8.53
C ASP B 291 22.82 -28.32 -9.75
N GLN B 292 22.36 -29.23 -10.61
CA GLN B 292 21.67 -28.85 -11.83
C GLN B 292 20.54 -27.87 -11.55
N VAL B 293 20.49 -26.80 -12.32
CA VAL B 293 19.38 -25.84 -12.22
C VAL B 293 18.42 -26.08 -13.41
N TRP B 294 17.21 -26.52 -13.09
CA TRP B 294 16.24 -27.01 -14.10
C TRP B 294 15.27 -25.95 -14.57
N GLY B 295 15.04 -24.94 -13.73
CA GLY B 295 14.01 -23.95 -14.00
C GLY B 295 14.42 -22.52 -13.67
N VAL B 296 14.10 -21.62 -14.59
CA VAL B 296 14.22 -20.19 -14.36
C VAL B 296 13.06 -19.47 -15.03
N LYS B 297 12.60 -18.41 -14.40
CA LYS B 297 11.62 -17.50 -14.98
C LYS B 297 11.85 -16.09 -14.43
N TYR B 298 11.57 -15.11 -15.27
CA TYR B 298 11.43 -13.72 -14.82
C TYR B 298 10.04 -13.53 -14.27
N ASN B 299 9.91 -12.62 -13.30
CA ASN B 299 8.59 -12.20 -12.83
C ASN B 299 7.91 -11.23 -13.83
N GLY B 300 6.85 -10.56 -13.40
CA GLY B 300 6.05 -9.75 -14.32
C GLY B 300 6.72 -8.49 -14.86
N ASN B 301 7.46 -7.79 -14.01
CA ASN B 301 8.11 -6.54 -14.40
C ASN B 301 9.60 -6.71 -14.73
N GLY B 302 10.04 -7.95 -14.91
CA GLY B 302 11.45 -8.24 -15.18
C GLY B 302 12.45 -7.92 -14.06
N SER B 303 11.98 -7.46 -12.89
CA SER B 303 12.90 -7.05 -11.80
C SER B 303 13.42 -8.23 -10.96
N LYS B 304 12.78 -9.39 -11.10
CA LYS B 304 13.14 -10.59 -10.33
C LYS B 304 13.24 -11.84 -11.22
N ILE B 305 14.22 -12.68 -10.91
CA ILE B 305 14.35 -14.01 -11.55
C ILE B 305 14.18 -15.10 -10.47
N VAL B 306 13.47 -16.17 -10.80
CA VAL B 306 13.40 -17.30 -9.88
C VAL B 306 14.11 -18.52 -10.49
N SER B 307 14.88 -19.24 -9.67
CA SER B 307 15.60 -20.42 -10.13
C SER B 307 15.32 -21.58 -9.20
N VAL B 308 15.17 -22.77 -9.79
CA VAL B 308 14.93 -24.03 -9.06
C VAL B 308 15.79 -25.15 -9.62
N GLY B 309 15.94 -26.25 -8.88
CA GLY B 309 16.78 -27.37 -9.32
C GLY B 309 16.93 -28.59 -8.41
N ASP B 310 18.00 -29.36 -8.65
CA ASP B 310 18.29 -30.59 -7.91
C ASP B 310 18.65 -30.37 -6.43
N ASP B 311 19.11 -29.17 -6.07
CA ASP B 311 19.51 -28.89 -4.67
C ASP B 311 18.32 -28.55 -3.78
N GLN B 312 17.11 -28.52 -4.36
CA GLN B 312 15.85 -28.45 -3.61
C GLN B 312 15.57 -27.07 -3.01
N GLU B 313 16.28 -26.06 -3.51
CA GLU B 313 16.15 -24.71 -3.04
C GLU B 313 15.46 -23.83 -4.09
N ILE B 314 14.79 -22.78 -3.66
CA ILE B 314 14.30 -21.74 -4.56
C ILE B 314 15.11 -20.49 -4.31
N HIS B 315 15.73 -19.96 -5.36
CA HIS B 315 16.42 -18.68 -5.29
C HIS B 315 15.64 -17.63 -6.04
N ILE B 316 15.55 -16.44 -5.45
CA ILE B 316 14.97 -15.28 -6.10
C ILE B 316 16.08 -14.24 -6.25
N TYR B 317 16.32 -13.81 -7.48
CA TYR B 317 17.37 -12.84 -7.78
C TYR B 317 16.78 -11.49 -8.17
N ASP B 318 17.44 -10.42 -7.74
CA ASP B 318 17.08 -9.06 -8.11
C ASP B 318 17.70 -8.72 -9.48
N CYS B 319 16.99 -7.92 -10.27
CA CYS B 319 17.48 -7.44 -11.57
C CYS B 319 17.20 -5.96 -11.70
N PRO B 320 18.19 -5.16 -12.12
CA PRO B 320 17.99 -3.70 -12.15
C PRO B 320 17.20 -3.23 -13.38
N TYR C 21 5.35 8.12 -2.22
CA TYR C 21 5.16 9.27 -3.16
C TYR C 21 5.61 10.57 -2.51
N GLY C 22 6.31 11.41 -3.29
CA GLY C 22 6.81 12.67 -2.78
C GLY C 22 7.36 13.55 -3.85
N ILE C 23 7.87 14.70 -3.44
CA ILE C 23 8.51 15.66 -4.33
C ILE C 23 10.00 15.59 -4.14
N LEU C 24 10.70 15.30 -5.23
CA LEU C 24 12.13 15.09 -5.20
C LEU C 24 12.87 16.37 -5.56
N PHE C 25 12.42 17.03 -6.63
CA PHE C 25 13.10 18.22 -7.14
C PHE C 25 12.15 19.19 -7.82
N LYS C 26 12.45 20.49 -7.69
CA LYS C 26 11.68 21.56 -8.34
C LYS C 26 12.64 22.51 -9.03
N GLN C 27 12.44 22.75 -10.33
CA GLN C 27 13.16 23.82 -11.04
C GLN C 27 12.23 25.02 -11.30
N GLU C 28 12.52 26.13 -10.61
CA GLU C 28 11.79 27.39 -10.79
C GLU C 28 12.29 28.11 -12.02
N GLN C 29 11.40 28.80 -12.72
CA GLN C 29 11.76 29.56 -13.91
C GLN C 29 12.53 28.72 -14.91
N ALA C 30 12.02 27.51 -15.14
CA ALA C 30 12.53 26.65 -16.19
C ALA C 30 12.45 27.39 -17.52
N HIS C 31 11.31 28.00 -17.78
CA HIS C 31 11.13 28.85 -18.95
C HIS C 31 10.67 30.21 -18.49
N ASP C 32 10.54 31.14 -19.44
CA ASP C 32 10.06 32.50 -19.21
C ASP C 32 8.56 32.64 -19.24
N ASP C 33 7.87 31.70 -19.87
CA ASP C 33 6.40 31.70 -19.93
C ASP C 33 5.91 30.26 -19.72
N ALA C 34 4.59 30.08 -19.76
CA ALA C 34 3.97 28.78 -19.57
C ALA C 34 4.71 27.64 -20.31
N ILE C 35 4.85 26.51 -19.65
CA ILE C 35 5.38 25.32 -20.26
C ILE C 35 4.21 24.47 -20.68
N TRP C 36 4.09 24.20 -21.97
CA TRP C 36 2.90 23.56 -22.53
C TRP C 36 3.09 22.09 -22.80
N SER C 37 4.32 21.63 -22.95
CA SER C 37 4.56 20.24 -23.26
C SER C 37 5.83 19.77 -22.61
N VAL C 38 5.91 18.47 -22.32
CA VAL C 38 7.10 17.83 -21.77
C VAL C 38 7.26 16.42 -22.32
N ALA C 39 8.51 16.00 -22.47
CA ALA C 39 8.82 14.65 -22.85
C ALA C 39 9.94 14.11 -21.96
N TRP C 40 9.92 12.79 -21.72
CA TRP C 40 10.97 12.07 -21.00
C TRP C 40 11.39 10.82 -21.76
N GLY C 41 12.66 10.73 -22.14
CA GLY C 41 13.21 9.54 -22.79
C GLY C 41 13.16 8.34 -21.86
N THR C 42 12.85 7.18 -22.43
CA THR C 42 12.63 5.95 -21.64
C THR C 42 13.58 4.80 -22.06
N ASN C 43 14.45 5.06 -23.03
CA ASN C 43 15.40 4.09 -23.51
C ASN C 43 16.62 4.04 -22.57
N LYS C 44 16.58 3.10 -21.63
CA LYS C 44 17.60 2.98 -20.56
C LYS C 44 19.05 3.17 -21.04
N LYS C 45 19.33 2.75 -22.26
CA LYS C 45 20.69 2.85 -22.81
C LYS C 45 20.97 4.15 -23.58
N GLU C 46 19.94 4.80 -24.11
CA GLU C 46 20.13 5.91 -25.09
C GLU C 46 19.68 7.33 -24.64
N ASN C 47 18.55 7.44 -23.93
CA ASN C 47 18.05 8.76 -23.50
C ASN C 47 17.24 8.81 -22.19
N SER C 48 17.49 7.89 -21.26
CA SER C 48 16.71 7.84 -20.01
C SER C 48 16.88 9.08 -19.11
N GLU C 49 17.99 9.79 -19.27
CA GLU C 49 18.25 11.00 -18.48
C GLU C 49 17.73 12.27 -19.15
N THR C 50 17.11 12.13 -20.32
CA THR C 50 16.78 13.30 -21.13
C THR C 50 15.32 13.71 -20.95
N VAL C 51 15.14 14.96 -20.54
CA VAL C 51 13.84 15.58 -20.44
C VAL C 51 13.80 16.78 -21.39
N VAL C 52 12.76 16.84 -22.21
CA VAL C 52 12.57 17.96 -23.11
C VAL C 52 11.24 18.66 -22.79
N THR C 53 11.27 20.00 -22.82
CA THR C 53 10.12 20.84 -22.55
C THR C 53 9.93 21.83 -23.69
N GLY C 54 8.68 22.21 -23.94
CA GLY C 54 8.33 23.21 -24.94
C GLY C 54 7.40 24.26 -24.34
N SER C 55 7.67 25.52 -24.61
CA SER C 55 7.06 26.59 -23.87
C SER C 55 6.48 27.68 -24.76
N LEU C 56 5.64 28.50 -24.14
CA LEU C 56 5.05 29.66 -24.78
C LEU C 56 6.12 30.79 -24.97
N ASP C 57 7.27 30.67 -24.31
CA ASP C 57 8.42 31.55 -24.60
C ASP C 57 9.11 31.22 -25.94
N ASP C 58 8.57 30.24 -26.68
CA ASP C 58 9.02 29.87 -28.04
C ASP C 58 10.24 28.90 -28.04
N LEU C 59 10.75 28.57 -26.86
CA LEU C 59 11.94 27.76 -26.72
C LEU C 59 11.60 26.31 -26.43
N VAL C 60 12.42 25.42 -26.96
CA VAL C 60 12.44 24.02 -26.55
C VAL C 60 13.68 23.88 -25.67
N LYS C 61 13.55 23.32 -24.48
CA LYS C 61 14.73 23.11 -23.64
C LYS C 61 14.99 21.66 -23.41
N VAL C 62 16.27 21.30 -23.44
CA VAL C 62 16.72 19.95 -23.19
C VAL C 62 17.37 19.94 -21.82
N TRP C 63 16.92 18.99 -20.99
CA TRP C 63 17.33 18.89 -19.60
C TRP C 63 17.93 17.53 -19.34
N LYS C 64 18.80 17.47 -18.34
CA LYS C 64 19.49 16.26 -17.96
C LYS C 64 19.08 15.90 -16.55
N TRP C 65 18.45 14.72 -16.36
CA TRP C 65 18.13 14.20 -15.04
C TRP C 65 19.29 13.34 -14.61
N ARG C 66 19.95 13.74 -13.53
CA ARG C 66 21.17 13.09 -13.09
C ARG C 66 21.40 13.48 -11.64
N ASP C 67 21.87 12.53 -10.84
CA ASP C 67 22.24 12.79 -9.45
C ASP C 67 21.13 13.48 -8.65
N GLU C 68 19.89 13.12 -8.95
CA GLU C 68 18.73 13.58 -8.19
C GLU C 68 18.39 15.06 -8.45
N ARG C 69 18.85 15.59 -9.58
CA ARG C 69 18.43 16.91 -10.01
C ARG C 69 18.38 17.03 -11.50
N LEU C 70 17.73 18.11 -11.93
CA LEU C 70 17.55 18.44 -13.32
C LEU C 70 18.47 19.63 -13.61
N ASP C 71 19.26 19.52 -14.66
CA ASP C 71 20.12 20.64 -15.10
C ASP C 71 19.90 20.89 -16.56
N LEU C 72 19.99 22.15 -16.96
CA LEU C 72 19.78 22.56 -18.34
C LEU C 72 20.97 22.13 -19.18
N GLN C 73 20.69 21.48 -20.30
CA GLN C 73 21.71 21.04 -21.25
C GLN C 73 21.70 21.95 -22.47
N TRP C 74 20.54 22.09 -23.11
CA TRP C 74 20.38 22.95 -24.27
C TRP C 74 19.12 23.84 -24.24
N SER C 75 19.24 24.99 -24.88
CA SER C 75 18.17 25.92 -25.10
C SER C 75 18.05 26.05 -26.60
N LEU C 76 17.00 25.46 -27.19
CA LEU C 76 16.88 25.36 -28.64
C LEU C 76 15.99 26.48 -29.21
N GLU C 77 16.60 27.45 -29.90
CA GLU C 77 15.86 28.57 -30.50
C GLU C 77 15.51 28.29 -31.96
N GLY C 78 14.34 28.74 -32.39
CA GLY C 78 13.90 28.59 -33.79
C GLY C 78 12.42 28.86 -33.99
N HIS C 79 11.61 28.34 -33.08
CA HIS C 79 10.17 28.56 -33.12
C HIS C 79 9.83 30.03 -32.94
N GLN C 80 8.86 30.48 -33.73
CA GLN C 80 8.49 31.90 -33.83
C GLN C 80 7.26 32.26 -33.01
N LEU C 81 6.49 31.23 -32.64
CA LEU C 81 5.36 31.35 -31.73
C LEU C 81 5.53 30.25 -30.67
N GLY C 82 4.63 30.20 -29.70
CA GLY C 82 4.74 29.27 -28.58
C GLY C 82 4.72 27.82 -29.03
N VAL C 83 5.37 26.95 -28.25
CA VAL C 83 5.53 25.55 -28.59
C VAL C 83 4.43 24.71 -27.93
N VAL C 84 3.63 24.03 -28.74
CA VAL C 84 2.46 23.29 -28.24
C VAL C 84 2.72 21.79 -27.95
N SER C 85 3.89 21.29 -28.32
CA SER C 85 4.14 19.85 -28.27
C SER C 85 5.62 19.50 -28.48
N VAL C 86 6.13 18.61 -27.67
CA VAL C 86 7.45 18.08 -27.86
C VAL C 86 7.39 16.57 -27.72
N ASP C 87 8.38 15.89 -28.30
CA ASP C 87 8.50 14.42 -28.17
C ASP C 87 9.93 14.03 -28.48
N ILE C 88 10.35 12.89 -27.95
CA ILE C 88 11.70 12.40 -28.04
C ILE C 88 11.66 11.04 -28.71
N SER C 89 12.56 10.79 -29.65
CA SER C 89 12.63 9.47 -30.30
C SER C 89 13.02 8.37 -29.29
N HIS C 90 12.45 7.17 -29.44
CA HIS C 90 12.83 6.04 -28.57
C HIS C 90 14.20 5.49 -28.92
N THR C 91 14.53 5.42 -30.20
CA THR C 91 15.76 4.79 -30.66
C THR C 91 16.87 5.76 -31.11
N LEU C 92 16.53 7.02 -31.34
CA LEU C 92 17.49 7.98 -31.89
C LEU C 92 17.65 9.20 -30.99
N PRO C 93 18.82 9.84 -31.04
CA PRO C 93 19.03 10.99 -30.17
C PRO C 93 18.45 12.25 -30.83
N ILE C 94 17.12 12.29 -30.94
CA ILE C 94 16.43 13.40 -31.59
C ILE C 94 15.14 13.74 -30.86
N ALA C 95 14.76 15.01 -30.92
CA ALA C 95 13.46 15.44 -30.45
C ALA C 95 12.75 16.16 -31.59
N ALA C 96 11.43 16.24 -31.49
CA ALA C 96 10.62 17.00 -32.42
C ALA C 96 9.74 17.97 -31.62
N SER C 97 9.43 19.10 -32.22
CA SER C 97 8.56 20.07 -31.59
C SER C 97 7.72 20.76 -32.62
N SER C 98 6.52 21.17 -32.22
CA SER C 98 5.63 21.92 -33.09
C SER C 98 5.13 23.14 -32.34
N SER C 99 4.85 24.22 -33.08
CA SER C 99 4.36 25.48 -32.50
C SER C 99 3.06 25.91 -33.17
N LEU C 100 2.45 26.95 -32.59
CA LEU C 100 1.14 27.45 -33.05
C LEU C 100 1.07 27.69 -34.57
N ASP C 101 2.21 28.07 -35.17
CA ASP C 101 2.27 28.28 -36.66
C ASP C 101 2.41 27.01 -37.51
N ALA C 102 2.23 25.83 -36.93
CA ALA C 102 2.26 24.56 -37.69
C ALA C 102 3.62 24.35 -38.36
N HIS C 103 4.68 24.67 -37.62
CA HIS C 103 6.05 24.49 -38.07
C HIS C 103 6.63 23.42 -37.18
N ILE C 104 7.18 22.38 -37.79
CA ILE C 104 7.79 21.28 -37.06
C ILE C 104 9.31 21.39 -37.18
N ARG C 105 10.00 21.23 -36.05
CA ARG C 105 11.47 21.26 -36.05
C ARG C 105 12.01 19.99 -35.38
N LEU C 106 12.99 19.33 -36.00
CA LEU C 106 13.67 18.17 -35.43
C LEU C 106 15.00 18.62 -34.88
N TRP C 107 15.31 18.18 -33.65
CA TRP C 107 16.51 18.62 -32.95
C TRP C 107 17.51 17.49 -32.67
N ASP C 108 18.80 17.78 -32.89
CA ASP C 108 19.89 16.91 -32.52
C ASP C 108 20.18 17.14 -31.04
N LEU C 109 19.88 16.14 -30.20
CA LEU C 109 20.03 16.30 -28.74
C LEU C 109 21.48 16.17 -28.28
N GLU C 110 22.36 15.62 -29.14
CA GLU C 110 23.76 15.44 -28.75
C GLU C 110 24.52 16.76 -28.77
N ASN C 111 24.19 17.63 -29.72
CA ASN C 111 24.84 18.95 -29.82
C ASN C 111 23.90 20.17 -29.85
N GLY C 112 22.60 19.95 -29.63
CA GLY C 112 21.64 21.05 -29.46
C GLY C 112 21.49 21.96 -30.68
N LYS C 113 21.40 21.37 -31.85
CA LYS C 113 21.23 22.12 -33.10
C LYS C 113 20.06 21.56 -33.90
N GLN C 114 19.49 22.38 -34.76
CA GLN C 114 18.35 21.98 -35.57
C GLN C 114 18.80 21.07 -36.70
N ILE C 115 18.21 19.90 -36.79
CA ILE C 115 18.51 18.97 -37.89
C ILE C 115 17.83 19.48 -39.14
N LYS C 116 16.51 19.61 -39.06
CA LYS C 116 15.73 20.10 -40.18
C LYS C 116 14.46 20.79 -39.69
N SER C 117 13.64 21.22 -40.64
CA SER C 117 12.50 22.05 -40.34
C SER C 117 11.42 21.83 -41.40
N ILE C 118 10.20 21.53 -40.96
CA ILE C 118 9.08 21.29 -41.86
C ILE C 118 7.98 22.35 -41.64
N ASP C 119 7.75 23.17 -42.64
CA ASP C 119 6.68 24.19 -42.58
C ASP C 119 5.37 23.53 -43.02
N ALA C 120 4.61 23.02 -42.05
CA ALA C 120 3.29 22.43 -42.31
C ALA C 120 2.18 23.45 -42.05
N GLY C 121 2.48 24.72 -42.28
CA GLY C 121 1.52 25.78 -42.08
C GLY C 121 0.60 25.85 -43.26
N PRO C 122 -0.63 26.36 -43.07
CA PRO C 122 -1.19 26.85 -41.81
C PRO C 122 -1.92 25.79 -40.97
N VAL C 123 -2.55 24.80 -41.61
CA VAL C 123 -3.48 23.89 -40.92
C VAL C 123 -3.01 22.43 -40.77
N ASP C 124 -1.84 22.09 -41.29
CA ASP C 124 -1.44 20.68 -41.41
C ASP C 124 -0.58 20.10 -40.27
N ALA C 125 -0.56 20.79 -39.12
CA ALA C 125 0.16 20.28 -37.92
C ALA C 125 -0.36 20.88 -36.62
N TRP C 126 -0.40 20.07 -35.57
CA TRP C 126 -0.73 20.56 -34.23
C TRP C 126 0.22 19.94 -33.18
N THR C 127 -0.16 18.80 -32.59
CA THR C 127 0.75 18.09 -31.67
C THR C 127 1.46 16.94 -32.37
N LEU C 128 2.58 16.51 -31.79
CA LEU C 128 3.48 15.56 -32.43
C LEU C 128 3.57 14.24 -31.68
N ALA C 129 3.76 13.15 -32.41
CA ALA C 129 4.25 11.91 -31.80
C ALA C 129 5.15 11.16 -32.77
N PHE C 130 6.28 10.65 -32.27
CA PHE C 130 7.11 9.74 -33.08
C PHE C 130 6.47 8.38 -33.16
N SER C 131 6.58 7.71 -34.31
CA SER C 131 6.20 6.31 -34.40
C SER C 131 7.11 5.48 -33.47
N PRO C 132 6.65 4.30 -33.04
CA PRO C 132 7.48 3.42 -32.21
C PRO C 132 8.95 3.29 -32.67
N ASP C 133 9.17 3.15 -33.98
CA ASP C 133 10.52 3.03 -34.55
C ASP C 133 11.14 4.37 -35.01
N SER C 134 10.44 5.49 -34.77
CA SER C 134 10.94 6.84 -35.11
C SER C 134 11.24 7.10 -36.59
N GLN C 135 10.72 6.28 -37.50
CA GLN C 135 10.82 6.54 -38.94
C GLN C 135 9.84 7.64 -39.36
N TYR C 136 8.75 7.76 -38.60
CA TYR C 136 7.71 8.74 -38.89
C TYR C 136 7.43 9.63 -37.69
N LEU C 137 6.80 10.75 -37.99
CA LEU C 137 6.32 11.70 -37.02
C LEU C 137 4.89 11.97 -37.41
N ALA C 138 3.96 11.68 -36.49
CA ALA C 138 2.52 11.84 -36.73
C ALA C 138 2.05 13.13 -36.10
N THR C 139 1.15 13.83 -36.80
CA THR C 139 0.60 15.08 -36.30
C THR C 139 -0.86 15.26 -36.74
N GLY C 140 -1.66 15.84 -35.86
CA GLY C 140 -3.07 16.08 -36.16
C GLY C 140 -3.23 17.41 -36.87
N THR C 141 -4.23 17.49 -37.74
CA THR C 141 -4.51 18.73 -38.47
C THR C 141 -5.72 19.45 -37.90
N HIS C 142 -5.94 20.66 -38.40
CA HIS C 142 -7.06 21.49 -37.97
C HIS C 142 -8.33 21.15 -38.77
N VAL C 143 -8.20 20.28 -39.79
CA VAL C 143 -9.34 19.87 -40.63
C VAL C 143 -9.62 18.35 -40.55
N GLY C 144 -9.31 17.77 -39.40
CA GLY C 144 -9.70 16.38 -39.08
C GLY C 144 -8.82 15.25 -39.58
N LYS C 145 -7.60 15.58 -40.03
CA LYS C 145 -6.68 14.58 -40.53
C LYS C 145 -5.51 14.37 -39.59
N VAL C 146 -4.86 13.21 -39.74
CA VAL C 146 -3.55 13.00 -39.17
C VAL C 146 -2.56 12.85 -40.33
N ASN C 147 -1.61 13.77 -40.37
CA ASN C 147 -0.49 13.69 -41.30
C ASN C 147 0.64 12.88 -40.69
N ILE C 148 1.23 12.02 -41.51
CA ILE C 148 2.39 11.23 -41.14
C ILE C 148 3.56 11.73 -41.97
N PHE C 149 4.50 12.39 -41.32
CA PHE C 149 5.71 12.88 -41.99
C PHE C 149 6.83 11.88 -41.84
N GLY C 150 7.62 11.71 -42.89
CA GLY C 150 8.86 10.94 -42.79
C GLY C 150 9.86 11.73 -41.96
N VAL C 151 10.55 11.07 -41.03
CA VAL C 151 11.58 11.77 -40.27
C VAL C 151 12.78 12.08 -41.17
N GLU C 152 13.17 11.11 -41.99
CA GLU C 152 14.33 11.26 -42.88
C GLU C 152 14.02 12.10 -44.13
N SER C 153 12.85 11.90 -44.72
CA SER C 153 12.49 12.61 -45.96
C SER C 153 12.12 14.08 -45.69
N GLY C 154 11.60 14.37 -44.50
CA GLY C 154 11.10 15.71 -44.18
C GLY C 154 9.83 16.09 -44.91
N LYS C 155 9.22 15.12 -45.60
CA LYS C 155 8.01 15.32 -46.37
C LYS C 155 6.87 14.57 -45.71
N LYS C 156 5.65 14.99 -46.03
CA LYS C 156 4.45 14.28 -45.67
C LYS C 156 4.42 12.98 -46.47
N GLU C 157 4.57 11.85 -45.79
CA GLU C 157 4.55 10.55 -46.50
C GLU C 157 3.10 10.09 -46.73
N TYR C 158 2.24 10.19 -45.72
CA TYR C 158 0.82 9.88 -45.91
C TYR C 158 -0.13 10.50 -44.86
N SER C 159 -1.43 10.32 -45.10
CA SER C 159 -2.49 10.95 -44.32
C SER C 159 -3.48 9.91 -43.78
N LEU C 160 -4.16 10.26 -42.69
CA LEU C 160 -5.29 9.49 -42.18
C LEU C 160 -6.44 10.46 -42.00
N ASP C 161 -7.62 10.11 -42.54
CA ASP C 161 -8.77 11.03 -42.51
C ASP C 161 -9.88 10.51 -41.60
N THR C 162 -10.09 11.23 -40.50
CA THR C 162 -11.15 10.93 -39.55
C THR C 162 -12.51 11.42 -40.04
N ARG C 163 -12.52 12.22 -41.12
CA ARG C 163 -13.73 12.87 -41.61
C ARG C 163 -14.44 13.63 -40.49
N GLY C 164 -13.64 14.32 -39.66
CA GLY C 164 -14.12 15.06 -38.50
C GLY C 164 -13.49 16.46 -38.38
N LYS C 165 -13.25 16.88 -37.14
CA LYS C 165 -12.82 18.24 -36.87
C LYS C 165 -11.38 18.28 -36.33
N PHE C 166 -10.90 19.49 -36.04
CA PHE C 166 -9.59 19.72 -35.43
C PHE C 166 -9.16 18.56 -34.53
N ILE C 167 -8.04 17.92 -34.89
CA ILE C 167 -7.45 16.85 -34.08
C ILE C 167 -6.46 17.43 -33.07
N LEU C 168 -6.82 17.45 -31.80
CA LEU C 168 -5.97 18.06 -30.78
C LEU C 168 -4.93 17.11 -30.24
N SER C 169 -5.17 15.81 -30.39
CA SER C 169 -4.28 14.83 -29.77
C SER C 169 -4.21 13.58 -30.61
N ILE C 170 -3.02 12.97 -30.61
CA ILE C 170 -2.77 11.69 -31.25
C ILE C 170 -1.87 10.83 -30.35
N ALA C 171 -1.93 9.53 -30.53
CA ALA C 171 -0.98 8.58 -29.92
C ALA C 171 -0.87 7.31 -30.75
N TYR C 172 0.33 6.75 -30.78
CA TYR C 172 0.59 5.47 -31.44
C TYR C 172 0.49 4.37 -30.40
N SER C 173 -0.07 3.23 -30.77
CA SER C 173 -0.02 2.06 -29.91
C SER C 173 1.43 1.55 -29.91
N PRO C 174 2.02 1.34 -28.72
CA PRO C 174 3.41 0.86 -28.62
C PRO C 174 3.74 -0.40 -29.43
N ASP C 175 2.73 -1.23 -29.68
CA ASP C 175 2.90 -2.45 -30.48
C ASP C 175 2.94 -2.16 -32.01
N GLY C 176 2.84 -0.89 -32.41
CA GLY C 176 2.94 -0.49 -33.80
C GLY C 176 1.73 -0.85 -34.66
N LYS C 177 0.59 -1.17 -34.02
CA LYS C 177 -0.61 -1.60 -34.75
C LYS C 177 -1.58 -0.46 -35.03
N TYR C 178 -1.79 0.40 -34.04
CA TYR C 178 -2.83 1.42 -34.10
C TYR C 178 -2.30 2.83 -33.89
N LEU C 179 -3.05 3.80 -34.40
CA LEU C 179 -2.89 5.22 -34.06
C LEU C 179 -4.25 5.77 -33.63
N ALA C 180 -4.27 6.53 -32.54
CA ALA C 180 -5.52 7.09 -32.01
C ALA C 180 -5.49 8.61 -32.03
N SER C 181 -6.62 9.22 -32.36
CA SER C 181 -6.76 10.67 -32.39
C SER C 181 -7.89 11.14 -31.47
N GLY C 182 -7.71 12.32 -30.90
CA GLY C 182 -8.78 12.99 -30.14
C GLY C 182 -9.17 14.30 -30.79
N ALA C 183 -10.47 14.51 -30.99
CA ALA C 183 -10.96 15.72 -31.67
C ALA C 183 -11.31 16.86 -30.71
N ILE C 184 -11.57 18.04 -31.28
CA ILE C 184 -12.03 19.22 -30.54
C ILE C 184 -13.48 19.05 -30.05
N ASP C 185 -14.28 18.31 -30.80
CA ASP C 185 -15.66 17.99 -30.43
C ASP C 185 -15.78 16.68 -29.62
N GLY C 186 -14.65 16.10 -29.20
CA GLY C 186 -14.62 14.95 -28.29
C GLY C 186 -14.65 13.56 -28.93
N ILE C 187 -14.74 13.48 -30.25
CA ILE C 187 -14.79 12.19 -30.96
C ILE C 187 -13.39 11.56 -31.04
N ILE C 188 -13.33 10.26 -30.79
CA ILE C 188 -12.08 9.51 -30.85
C ILE C 188 -12.11 8.60 -32.06
N ASN C 189 -10.99 8.54 -32.79
CA ASN C 189 -10.85 7.61 -33.90
C ASN C 189 -9.62 6.73 -33.73
N ILE C 190 -9.76 5.45 -34.06
CA ILE C 190 -8.67 4.48 -33.99
C ILE C 190 -8.38 3.97 -35.39
N PHE C 191 -7.14 4.16 -35.85
CA PHE C 191 -6.73 3.73 -37.18
C PHE C 191 -5.86 2.49 -37.12
N ASP C 192 -5.97 1.65 -38.15
CA ASP C 192 -5.03 0.56 -38.37
C ASP C 192 -3.82 1.16 -39.08
N ILE C 193 -2.68 1.17 -38.40
CA ILE C 193 -1.47 1.82 -38.95
C ILE C 193 -0.98 1.14 -40.22
N ALA C 194 -1.04 -0.19 -40.25
CA ALA C 194 -0.66 -0.95 -41.44
C ALA C 194 -1.49 -0.55 -42.67
N THR C 195 -2.74 -1.00 -42.71
CA THR C 195 -3.66 -0.73 -43.82
C THR C 195 -3.99 0.76 -43.98
N GLY C 196 -3.98 1.50 -42.86
CA GLY C 196 -4.34 2.92 -42.87
C GLY C 196 -5.85 3.16 -42.75
N LYS C 197 -6.62 2.09 -42.62
CA LYS C 197 -8.08 2.19 -42.57
C LYS C 197 -8.55 2.62 -41.19
N LEU C 198 -9.69 3.29 -41.17
CA LEU C 198 -10.35 3.70 -39.93
C LEU C 198 -11.08 2.46 -39.36
N LEU C 199 -10.77 2.11 -38.12
CA LEU C 199 -11.32 0.91 -37.49
C LEU C 199 -12.50 1.21 -36.57
N HIS C 200 -12.35 2.23 -35.73
CA HIS C 200 -13.39 2.62 -34.79
C HIS C 200 -13.48 4.14 -34.67
N THR C 201 -14.70 4.62 -34.48
CA THR C 201 -14.98 6.01 -34.13
C THR C 201 -15.88 5.98 -32.92
N LEU C 202 -15.46 6.63 -31.85
CA LEU C 202 -16.15 6.54 -30.57
C LEU C 202 -16.66 7.92 -30.18
N GLU C 203 -17.92 7.98 -29.73
CA GLU C 203 -18.57 9.23 -29.32
C GLU C 203 -17.84 9.94 -28.16
N GLY C 204 -16.96 9.22 -27.48
CA GLY C 204 -15.92 9.83 -26.61
C GLY C 204 -16.43 10.81 -25.57
N HIS C 205 -15.95 12.05 -25.66
CA HIS C 205 -16.38 13.11 -24.75
C HIS C 205 -17.25 14.13 -25.50
N ALA C 206 -17.76 15.12 -24.77
CA ALA C 206 -18.55 16.21 -25.36
C ALA C 206 -17.68 17.44 -25.65
N MET C 207 -16.49 17.46 -25.06
CA MET C 207 -15.63 18.60 -25.09
C MET C 207 -14.29 18.19 -25.69
N PRO C 208 -13.37 19.17 -25.88
CA PRO C 208 -12.08 18.83 -26.47
C PRO C 208 -11.34 17.73 -25.71
N ILE C 209 -10.52 16.97 -26.44
CA ILE C 209 -9.65 15.96 -25.88
C ILE C 209 -8.22 16.36 -26.22
N ARG C 210 -7.50 16.93 -25.26
CA ARG C 210 -6.17 17.46 -25.52
C ARG C 210 -5.07 16.44 -25.25
N SER C 211 -5.44 15.25 -24.80
CA SER C 211 -4.49 14.17 -24.58
C SER C 211 -5.15 12.81 -24.51
N LEU C 212 -4.57 11.85 -25.22
CA LEU C 212 -4.90 10.45 -24.98
C LEU C 212 -3.63 9.65 -25.03
N THR C 213 -3.69 8.40 -24.61
CA THR C 213 -2.52 7.56 -24.63
C THR C 213 -2.90 6.10 -24.54
N PHE C 214 -2.11 5.26 -25.22
CA PHE C 214 -2.21 3.82 -25.08
C PHE C 214 -1.38 3.38 -23.90
N SER C 215 -1.79 2.29 -23.27
CA SER C 215 -0.99 1.63 -22.25
C SER C 215 0.20 0.89 -22.87
N PRO C 216 1.29 0.73 -22.11
CA PRO C 216 2.46 -0.02 -22.56
C PRO C 216 2.15 -1.34 -23.28
N ASP C 217 1.13 -2.09 -22.82
CA ASP C 217 0.76 -3.37 -23.48
C ASP C 217 -0.20 -3.18 -24.67
N SER C 218 -0.51 -1.92 -24.99
CA SER C 218 -1.32 -1.56 -26.15
C SER C 218 -2.75 -2.11 -26.06
N GLN C 219 -3.21 -2.39 -24.85
CA GLN C 219 -4.53 -2.98 -24.63
C GLN C 219 -5.55 -1.93 -24.15
N LEU C 220 -5.08 -0.90 -23.47
CA LEU C 220 -5.95 0.18 -23.04
C LEU C 220 -5.64 1.46 -23.79
N LEU C 221 -6.68 2.26 -23.99
CA LEU C 221 -6.54 3.61 -24.51
C LEU C 221 -7.23 4.51 -23.51
N VAL C 222 -6.50 5.49 -22.98
CA VAL C 222 -7.02 6.41 -21.98
C VAL C 222 -7.06 7.84 -22.55
N THR C 223 -8.17 8.54 -22.34
CA THR C 223 -8.40 9.86 -22.93
C THR C 223 -8.77 10.92 -21.89
N ALA C 224 -8.23 12.13 -22.07
CA ALA C 224 -8.46 13.28 -21.17
C ALA C 224 -9.18 14.43 -21.89
N SER C 225 -10.20 14.98 -21.25
CA SER C 225 -11.00 16.03 -21.87
C SER C 225 -11.26 17.25 -20.99
N ASP C 226 -11.55 18.35 -21.66
CA ASP C 226 -11.96 19.56 -21.00
C ASP C 226 -13.17 19.34 -20.07
N ASP C 227 -14.03 18.36 -20.38
CA ASP C 227 -15.19 18.11 -19.52
C ASP C 227 -14.81 17.65 -18.10
N GLY C 228 -13.53 17.38 -17.88
CA GLY C 228 -13.00 17.10 -16.54
C GLY C 228 -12.84 15.63 -16.24
N TYR C 229 -13.23 14.78 -17.19
CA TYR C 229 -13.22 13.34 -16.98
C TYR C 229 -12.05 12.71 -17.70
N ILE C 230 -11.62 11.56 -17.21
CA ILE C 230 -10.70 10.68 -17.93
C ILE C 230 -11.47 9.43 -18.30
N LYS C 231 -11.34 8.98 -19.54
CA LYS C 231 -11.99 7.73 -19.97
C LYS C 231 -10.97 6.67 -20.37
N ILE C 232 -11.27 5.41 -20.02
CA ILE C 232 -10.45 4.26 -20.35
C ILE C 232 -11.22 3.39 -21.33
N TYR C 233 -10.58 3.01 -22.43
CA TYR C 233 -11.22 2.14 -23.42
C TYR C 233 -10.48 0.84 -23.55
N ASP C 234 -11.20 -0.25 -23.73
CA ASP C 234 -10.58 -1.50 -24.10
C ASP C 234 -10.31 -1.41 -25.59
N VAL C 235 -9.07 -1.61 -25.99
CA VAL C 235 -8.69 -1.44 -27.39
C VAL C 235 -9.22 -2.57 -28.29
N GLN C 236 -9.15 -3.82 -27.83
CA GLN C 236 -9.57 -4.98 -28.64
C GLN C 236 -11.06 -4.89 -28.97
N HIS C 237 -11.88 -4.71 -27.94
CA HIS C 237 -13.35 -4.53 -28.12
C HIS C 237 -13.73 -3.08 -28.47
N ALA C 238 -12.80 -2.15 -28.32
CA ALA C 238 -13.06 -0.75 -28.63
C ALA C 238 -14.28 -0.20 -27.86
N ASN C 239 -14.51 -0.69 -26.64
CA ASN C 239 -15.63 -0.21 -25.82
C ASN C 239 -15.18 0.52 -24.56
N LEU C 240 -16.12 1.20 -23.90
CA LEU C 240 -15.82 2.04 -22.73
C LEU C 240 -15.74 1.21 -21.44
N ALA C 241 -14.53 1.04 -20.93
CA ALA C 241 -14.31 0.26 -19.71
C ALA C 241 -14.59 1.07 -18.45
N GLY C 242 -14.57 2.40 -18.57
CA GLY C 242 -14.81 3.25 -17.42
C GLY C 242 -14.62 4.73 -17.66
N THR C 243 -15.22 5.53 -16.78
CA THR C 243 -15.14 6.99 -16.81
C THR C 243 -14.71 7.43 -15.40
N LEU C 244 -13.55 8.06 -15.29
CA LEU C 244 -13.01 8.48 -13.99
C LEU C 244 -13.31 9.94 -13.73
N SER C 245 -13.88 10.21 -12.57
CA SER C 245 -14.07 11.58 -12.11
C SER C 245 -13.01 11.90 -11.05
N GLY C 246 -12.69 13.16 -10.90
CA GLY C 246 -11.70 13.57 -9.92
C GLY C 246 -11.09 14.94 -10.14
N HIS C 247 -10.99 15.38 -11.39
CA HIS C 247 -10.53 16.74 -11.68
C HIS C 247 -11.70 17.70 -11.77
N ALA C 248 -11.47 18.91 -11.27
CA ALA C 248 -12.50 19.97 -11.20
C ALA C 248 -12.54 20.83 -12.46
N SER C 249 -11.56 20.65 -13.34
CA SER C 249 -11.49 21.45 -14.57
C SER C 249 -10.87 20.59 -15.66
N TRP C 250 -10.43 21.22 -16.77
CA TRP C 250 -9.92 20.47 -17.93
C TRP C 250 -8.83 19.48 -17.56
N VAL C 251 -8.90 18.28 -18.15
CA VAL C 251 -7.78 17.35 -18.06
C VAL C 251 -6.91 17.58 -19.31
N LEU C 252 -5.67 17.96 -19.08
CA LEU C 252 -4.77 18.47 -20.12
C LEU C 252 -3.76 17.46 -20.64
N ASN C 253 -3.51 16.42 -19.85
CA ASN C 253 -2.47 15.46 -20.17
C ASN C 253 -2.69 14.16 -19.43
N VAL C 254 -2.46 13.05 -20.12
CA VAL C 254 -2.41 11.72 -19.50
C VAL C 254 -1.14 11.00 -19.97
N ALA C 255 -0.58 10.16 -19.10
CA ALA C 255 0.61 9.38 -19.41
C ALA C 255 0.68 8.12 -18.56
N PHE C 256 0.94 6.98 -19.21
CA PHE C 256 0.96 5.71 -18.50
C PHE C 256 2.28 5.42 -17.81
N CYS C 257 2.19 4.76 -16.67
CA CYS C 257 3.34 4.20 -16.01
C CYS C 257 3.75 2.93 -16.78
N PRO C 258 5.08 2.71 -16.97
CA PRO C 258 5.47 1.47 -17.70
C PRO C 258 4.99 0.17 -17.03
N ASP C 259 4.68 0.20 -15.73
CA ASP C 259 4.14 -0.98 -15.03
C ASP C 259 2.76 -1.41 -15.53
N ASP C 260 2.16 -0.60 -16.42
CA ASP C 260 0.91 -0.97 -17.07
C ASP C 260 -0.30 -0.94 -16.14
N THR C 261 -0.09 -0.48 -14.90
CA THR C 261 -1.13 -0.46 -13.87
C THR C 261 -1.52 0.95 -13.49
N HIS C 262 -0.56 1.85 -13.46
CA HIS C 262 -0.83 3.22 -13.12
C HIS C 262 -0.77 4.13 -14.34
N PHE C 263 -1.43 5.28 -14.21
CA PHE C 263 -1.21 6.37 -15.11
C PHE C 263 -1.38 7.68 -14.39
N VAL C 264 -0.79 8.74 -14.95
CA VAL C 264 -0.84 10.05 -14.33
C VAL C 264 -1.61 11.01 -15.22
N SER C 265 -2.26 11.99 -14.60
CA SER C 265 -2.97 13.05 -15.30
C SER C 265 -2.65 14.41 -14.68
N SER C 266 -2.80 15.44 -15.49
CA SER C 266 -2.62 16.81 -15.04
C SER C 266 -3.79 17.65 -15.55
N SER C 267 -4.14 18.67 -14.77
CA SER C 267 -5.35 19.42 -15.02
C SER C 267 -5.21 20.94 -14.85
N SER C 268 -6.22 21.65 -15.36
CA SER C 268 -6.34 23.08 -15.18
C SER C 268 -6.62 23.39 -13.72
N ASP C 269 -7.13 22.39 -12.99
CA ASP C 269 -7.38 22.54 -11.55
C ASP C 269 -6.13 22.60 -10.65
N LYS C 270 -4.94 22.63 -11.26
CA LYS C 270 -3.67 22.88 -10.55
C LYS C 270 -3.04 21.63 -9.93
N SER C 271 -3.69 20.47 -10.11
CA SER C 271 -3.27 19.23 -9.47
C SER C 271 -2.70 18.22 -10.47
N VAL C 272 -1.84 17.34 -9.97
CA VAL C 272 -1.38 16.16 -10.70
C VAL C 272 -1.95 14.98 -9.94
N LYS C 273 -2.51 14.01 -10.68
CA LYS C 273 -3.13 12.84 -10.08
C LYS C 273 -2.57 11.52 -10.62
N VAL C 274 -2.38 10.57 -9.71
CA VAL C 274 -1.89 9.24 -10.08
C VAL C 274 -3.04 8.26 -9.89
N TRP C 275 -3.27 7.43 -10.91
CA TRP C 275 -4.44 6.57 -10.98
C TRP C 275 -4.08 5.10 -11.06
N ASP C 276 -4.90 4.26 -10.46
CA ASP C 276 -4.74 2.82 -10.56
C ASP C 276 -5.77 2.34 -11.56
N VAL C 277 -5.32 1.80 -12.69
CA VAL C 277 -6.22 1.47 -13.81
C VAL C 277 -7.18 0.34 -13.48
N GLY C 278 -6.77 -0.55 -12.57
CA GLY C 278 -7.58 -1.71 -12.18
C GLY C 278 -8.70 -1.41 -11.19
N THR C 279 -8.41 -0.59 -10.18
CA THR C 279 -9.43 -0.11 -9.23
C THR C 279 -10.14 1.14 -9.75
N ARG C 280 -9.56 1.78 -10.76
CA ARG C 280 -10.07 3.06 -11.29
C ARG C 280 -10.22 4.13 -10.21
N THR C 281 -9.22 4.21 -9.34
CA THR C 281 -9.25 5.14 -8.23
C THR C 281 -7.98 5.96 -8.19
N CYS C 282 -8.09 7.20 -7.71
CA CYS C 282 -6.92 8.05 -7.54
C CYS C 282 -6.16 7.56 -6.34
N VAL C 283 -4.87 7.22 -6.51
CA VAL C 283 -4.06 6.70 -5.40
C VAL C 283 -3.16 7.76 -4.74
N HIS C 284 -3.02 8.91 -5.40
CA HIS C 284 -2.28 10.04 -4.85
C HIS C 284 -2.53 11.27 -5.67
N THR C 285 -2.54 12.43 -5.00
CA THR C 285 -2.61 13.74 -5.67
C THR C 285 -1.54 14.71 -5.15
N PHE C 286 -0.82 15.34 -6.08
CA PHE C 286 0.13 16.37 -5.73
C PHE C 286 -0.51 17.72 -5.93
N PHE C 287 -0.39 18.59 -4.93
CA PHE C 287 -1.04 19.90 -4.93
C PHE C 287 -0.02 21.02 -4.88
N ASP C 288 1.18 20.78 -5.37
CA ASP C 288 2.27 21.74 -5.24
C ASP C 288 2.32 22.81 -6.35
N HIS C 289 1.69 22.53 -7.50
CA HIS C 289 1.62 23.51 -8.58
C HIS C 289 0.57 24.58 -8.26
N GLN C 290 0.82 25.81 -8.72
CA GLN C 290 0.01 26.96 -8.38
C GLN C 290 -0.82 27.47 -9.54
N ASP C 291 -0.81 26.72 -10.65
CA ASP C 291 -1.55 27.10 -11.82
C ASP C 291 -1.70 25.87 -12.70
N GLN C 292 -2.24 26.06 -13.93
CA GLN C 292 -2.56 24.92 -14.79
C GLN C 292 -1.36 24.05 -14.99
N VAL C 293 -1.55 22.73 -14.95
CA VAL C 293 -0.47 21.79 -15.19
C VAL C 293 -0.69 21.14 -16.56
N TRP C 294 0.21 21.42 -17.50
CA TRP C 294 -0.01 21.14 -18.90
C TRP C 294 0.55 19.80 -19.32
N GLY C 295 1.61 19.36 -18.67
CA GLY C 295 2.29 18.14 -19.07
C GLY C 295 2.69 17.26 -17.92
N VAL C 296 2.46 15.97 -18.07
CA VAL C 296 2.96 14.97 -17.15
C VAL C 296 3.51 13.76 -17.94
N LYS C 297 4.61 13.19 -17.46
CA LYS C 297 5.17 11.96 -18.02
C LYS C 297 5.86 11.16 -16.95
N TYR C 298 5.87 9.84 -17.14
CA TYR C 298 6.71 8.95 -16.34
C TYR C 298 8.07 8.83 -17.00
N ASN C 299 9.09 8.53 -16.20
CA ASN C 299 10.39 8.12 -16.71
C ASN C 299 10.36 6.65 -17.12
N GLY C 300 11.50 6.13 -17.58
CA GLY C 300 11.56 4.80 -18.17
C GLY C 300 11.22 3.63 -17.25
N ASN C 301 11.61 3.71 -15.99
CA ASN C 301 11.38 2.63 -15.03
C ASN C 301 10.13 2.85 -14.17
N GLY C 302 9.47 3.99 -14.34
CA GLY C 302 8.22 4.30 -13.65
C GLY C 302 8.37 4.85 -12.25
N SER C 303 9.59 5.18 -11.83
CA SER C 303 9.84 5.67 -10.46
C SER C 303 9.83 7.20 -10.34
N LYS C 304 9.73 7.89 -11.47
CA LYS C 304 9.68 9.34 -11.48
C LYS C 304 8.56 9.80 -12.39
N ILE C 305 7.88 10.86 -11.96
CA ILE C 305 6.97 11.60 -12.83
C ILE C 305 7.54 12.99 -13.03
N VAL C 306 7.41 13.51 -14.23
CA VAL C 306 7.76 14.89 -14.48
C VAL C 306 6.50 15.64 -14.79
N SER C 307 6.36 16.82 -14.17
CA SER C 307 5.22 17.70 -14.45
C SER C 307 5.70 19.11 -14.75
N VAL C 308 4.96 19.79 -15.63
CA VAL C 308 5.23 21.17 -16.02
C VAL C 308 3.92 21.91 -16.30
N GLY C 309 3.94 23.24 -16.17
CA GLY C 309 2.73 24.04 -16.35
C GLY C 309 2.91 25.55 -16.45
N ASP C 310 1.81 26.27 -16.19
CA ASP C 310 1.77 27.73 -16.32
C ASP C 310 2.78 28.45 -15.44
N ASP C 311 3.12 27.87 -14.28
CA ASP C 311 4.02 28.56 -13.31
C ASP C 311 5.50 28.56 -13.74
N GLN C 312 5.75 28.03 -14.94
CA GLN C 312 7.07 28.00 -15.57
C GLN C 312 8.04 27.11 -14.81
N GLU C 313 7.48 26.13 -14.11
CA GLU C 313 8.24 25.24 -13.25
C GLU C 313 8.29 23.84 -13.79
N ILE C 314 9.34 23.12 -13.44
CA ILE C 314 9.42 21.69 -13.66
C ILE C 314 9.54 21.02 -12.29
N HIS C 315 8.60 20.14 -12.01
CA HIS C 315 8.58 19.37 -10.76
C HIS C 315 8.77 17.91 -11.11
N ILE C 316 9.67 17.25 -10.39
CA ILE C 316 9.92 15.81 -10.50
C ILE C 316 9.45 15.15 -9.22
N TYR C 317 8.53 14.20 -9.37
CA TYR C 317 8.00 13.45 -8.21
C TYR C 317 8.64 12.07 -8.10
N ASP C 318 8.77 11.62 -6.86
CA ASP C 318 9.19 10.26 -6.56
C ASP C 318 7.98 9.32 -6.51
N CYS C 319 8.17 8.08 -6.93
CA CYS C 319 7.08 7.10 -7.01
C CYS C 319 7.54 5.72 -6.59
N PRO C 320 6.73 4.99 -5.80
CA PRO C 320 7.13 3.64 -5.37
C PRO C 320 7.08 2.61 -6.50
N TYR D 21 -27.95 26.13 6.68
CA TYR D 21 -27.12 25.01 7.24
C TYR D 21 -27.38 23.72 6.49
N GLY D 22 -26.33 22.99 6.17
CA GLY D 22 -26.47 21.74 5.43
C GLY D 22 -25.20 20.93 5.40
N ILE D 23 -25.27 19.81 4.71
CA ILE D 23 -24.12 18.93 4.49
C ILE D 23 -23.63 19.14 3.06
N LEU D 24 -22.36 19.51 2.94
CA LEU D 24 -21.76 19.81 1.67
C LEU D 24 -21.02 18.60 1.12
N PHE D 25 -20.21 17.96 1.96
CA PHE D 25 -19.38 16.83 1.53
C PHE D 25 -19.15 15.81 2.64
N LYS D 26 -19.03 14.54 2.25
CA LYS D 26 -18.72 13.44 3.19
C LYS D 26 -17.61 12.56 2.63
N GLN D 27 -16.53 12.39 3.38
CA GLN D 27 -15.49 11.41 3.01
C GLN D 27 -15.61 10.16 3.89
N GLU D 28 -16.01 9.06 3.25
CA GLU D 28 -16.06 7.76 3.91
C GLU D 28 -14.67 7.14 4.00
N GLN D 29 -14.40 6.44 5.08
CA GLN D 29 -13.14 5.73 5.26
C GLN D 29 -11.96 6.67 5.06
N ALA D 30 -12.07 7.84 5.65
CA ALA D 30 -10.98 8.80 5.73
C ALA D 30 -9.77 8.13 6.40
N HIS D 31 -10.02 7.41 7.48
CA HIS D 31 -8.99 6.59 8.10
C HIS D 31 -9.50 5.16 8.24
N ASP D 32 -8.63 4.28 8.75
CA ASP D 32 -8.97 2.89 9.02
C ASP D 32 -9.62 2.63 10.38
N ASP D 33 -9.42 3.56 11.31
CA ASP D 33 -10.02 3.47 12.65
C ASP D 33 -10.50 4.85 13.07
N ALA D 34 -11.06 4.94 14.28
CA ALA D 34 -11.60 6.19 14.82
C ALA D 34 -10.69 7.39 14.53
N ILE D 35 -11.31 8.50 14.14
CA ILE D 35 -10.61 9.75 13.98
C ILE D 35 -10.84 10.54 15.26
N TRP D 36 -9.76 10.84 15.98
CA TRP D 36 -9.83 11.42 17.31
C TRP D 36 -9.62 12.93 17.35
N SER D 37 -8.98 13.46 16.32
CA SER D 37 -8.68 14.88 16.27
C SER D 37 -8.73 15.44 14.86
N VAL D 38 -9.04 16.72 14.74
CA VAL D 38 -9.05 17.41 13.47
C VAL D 38 -8.59 18.86 13.65
N ALA D 39 -7.91 19.38 12.64
CA ALA D 39 -7.51 20.76 12.59
C ALA D 39 -7.85 21.33 11.20
N TRP D 40 -8.17 22.64 11.19
CA TRP D 40 -8.38 23.40 9.98
C TRP D 40 -7.60 24.72 10.01
N GLY D 41 -6.70 24.90 9.03
CA GLY D 41 -5.96 26.15 8.87
C GLY D 41 -6.90 27.30 8.55
N THR D 42 -6.63 28.47 9.13
CA THR D 42 -7.51 29.63 9.03
C THR D 42 -6.81 30.86 8.43
N ASN D 43 -5.53 30.71 8.09
CA ASN D 43 -4.74 31.78 7.51
C ASN D 43 -5.01 31.88 6.00
N LYS D 44 -5.95 32.77 5.64
CA LYS D 44 -6.46 32.89 4.26
C LYS D 44 -5.38 32.80 3.18
N LYS D 45 -4.19 33.33 3.48
CA LYS D 45 -3.10 33.36 2.52
C LYS D 45 -2.19 32.12 2.55
N GLU D 46 -2.14 31.41 3.68
CA GLU D 46 -1.10 30.38 3.89
C GLU D 46 -1.59 28.91 4.02
N ASN D 47 -2.74 28.67 4.69
CA ASN D 47 -3.25 27.31 4.90
C ASN D 47 -4.77 27.13 5.02
N SER D 48 -5.56 28.04 4.45
CA SER D 48 -7.02 27.99 4.58
C SER D 48 -7.66 26.74 3.96
N GLU D 49 -6.98 26.11 3.02
CA GLU D 49 -7.49 24.90 2.37
C GLU D 49 -7.03 23.62 3.07
N THR D 50 -6.27 23.74 4.16
CA THR D 50 -5.61 22.59 4.76
C THR D 50 -6.39 22.06 5.97
N VAL D 51 -6.76 20.79 5.88
CA VAL D 51 -7.39 20.08 6.98
C VAL D 51 -6.48 18.91 7.38
N VAL D 52 -6.20 18.81 8.68
CA VAL D 52 -5.41 17.72 9.21
C VAL D 52 -6.25 16.91 10.17
N THR D 53 -6.08 15.60 10.11
CA THR D 53 -6.78 14.66 10.99
C THR D 53 -5.78 13.71 11.62
N GLY D 54 -6.08 13.27 12.84
CA GLY D 54 -5.27 12.27 13.56
C GLY D 54 -6.16 11.15 14.05
N SER D 55 -5.69 9.92 13.94
CA SER D 55 -6.55 8.78 14.08
C SER D 55 -5.95 7.67 14.92
N LEU D 56 -6.83 6.77 15.37
CA LEU D 56 -6.45 5.60 16.13
C LEU D 56 -5.73 4.57 15.23
N ASP D 57 -5.78 4.75 13.90
CA ASP D 57 -4.95 3.96 12.98
C ASP D 57 -3.47 4.41 12.96
N ASP D 58 -3.13 5.39 13.80
CA ASP D 58 -1.72 5.83 14.02
C ASP D 58 -1.24 6.88 12.99
N LEU D 59 -2.09 7.19 12.03
CA LEU D 59 -1.73 8.06 10.93
C LEU D 59 -2.25 9.47 11.18
N VAL D 60 -1.47 10.45 10.75
CA VAL D 60 -1.96 11.82 10.59
C VAL D 60 -2.23 12.00 9.09
N LYS D 61 -3.38 12.50 8.71
CA LYS D 61 -3.62 12.77 7.30
C LYS D 61 -3.80 14.23 7.01
N VAL D 62 -3.22 14.67 5.90
CA VAL D 62 -3.33 16.04 5.45
C VAL D 62 -4.28 16.05 4.27
N TRP D 63 -5.30 16.92 4.35
CA TRP D 63 -6.35 16.99 3.36
C TRP D 63 -6.41 18.40 2.75
N LYS D 64 -6.90 18.48 1.53
CA LYS D 64 -7.01 19.72 0.79
C LYS D 64 -8.48 20.00 0.52
N TRP D 65 -9.00 21.09 1.08
CA TRP D 65 -10.36 21.54 0.79
C TRP D 65 -10.29 22.47 -0.40
N ARG D 66 -10.95 22.07 -1.49
CA ARG D 66 -10.83 22.77 -2.76
C ARG D 66 -11.96 22.34 -3.68
N ASP D 67 -12.56 23.31 -4.37
CA ASP D 67 -13.62 23.01 -5.34
C ASP D 67 -14.79 22.22 -4.75
N GLU D 68 -15.09 22.50 -3.49
CA GLU D 68 -16.26 21.92 -2.81
C GLU D 68 -16.08 20.45 -2.47
N ARG D 69 -14.84 19.99 -2.38
CA ARG D 69 -14.55 18.65 -1.87
C ARG D 69 -13.24 18.58 -1.18
N LEU D 70 -13.06 17.48 -0.46
CA LEU D 70 -11.88 17.20 0.32
C LEU D 70 -11.13 16.10 -0.41
N ASP D 71 -9.83 16.28 -0.60
CA ASP D 71 -8.98 15.27 -1.25
C ASP D 71 -7.74 15.07 -0.40
N LEU D 72 -7.27 13.83 -0.38
CA LEU D 72 -6.11 13.47 0.41
C LEU D 72 -4.86 14.01 -0.26
N GLN D 73 -4.04 14.70 0.54
CA GLN D 73 -2.78 15.24 0.07
C GLN D 73 -1.65 14.35 0.59
N TRP D 74 -1.58 14.19 1.92
CA TRP D 74 -0.54 13.37 2.55
C TRP D 74 -1.07 12.39 3.61
N SER D 75 -0.35 11.29 3.73
CA SER D 75 -0.57 10.29 4.73
C SER D 75 0.74 10.21 5.51
N LEU D 76 0.75 10.74 6.73
CA LEU D 76 1.98 10.89 7.51
C LEU D 76 2.17 9.76 8.52
N GLU D 77 3.12 8.85 8.25
CA GLU D 77 3.41 7.70 9.12
C GLU D 77 4.53 8.02 10.10
N GLY D 78 4.43 7.49 11.31
CA GLY D 78 5.48 7.67 12.33
C GLY D 78 5.01 7.34 13.75
N HIS D 79 3.79 7.73 14.08
CA HIS D 79 3.21 7.42 15.38
C HIS D 79 3.02 5.91 15.53
N GLN D 80 3.31 5.42 16.74
CA GLN D 80 3.34 4.00 17.04
C GLN D 80 2.09 3.54 17.76
N LEU D 81 1.34 4.49 18.31
CA LEU D 81 0.02 4.26 18.90
C LEU D 81 -0.93 5.29 18.34
N GLY D 82 -2.21 5.21 18.68
CA GLY D 82 -3.23 6.11 18.12
C GLY D 82 -2.92 7.57 18.40
N VAL D 83 -3.41 8.44 17.53
CA VAL D 83 -3.13 9.87 17.60
C VAL D 83 -4.28 10.60 18.31
N VAL D 84 -3.95 11.27 19.42
CA VAL D 84 -4.96 11.90 20.27
C VAL D 84 -5.22 13.38 19.97
N SER D 85 -4.39 13.99 19.13
CA SER D 85 -4.42 15.44 18.96
C SER D 85 -3.59 15.90 17.77
N VAL D 86 -4.15 16.82 16.99
CA VAL D 86 -3.44 17.45 15.90
C VAL D 86 -3.68 18.94 15.98
N ASP D 87 -2.79 19.72 15.37
CA ASP D 87 -2.95 21.17 15.26
C ASP D 87 -2.06 21.70 14.14
N ILE D 88 -2.43 22.85 13.58
CA ILE D 88 -1.76 23.42 12.45
C ILE D 88 -1.30 24.81 12.84
N SER D 89 -0.06 25.16 12.50
CA SER D 89 0.44 26.50 12.80
C SER D 89 -0.36 27.59 12.04
N HIS D 90 -0.57 28.75 12.66
CA HIS D 90 -1.25 29.86 11.97
C HIS D 90 -0.36 30.50 10.92
N THR D 91 0.92 30.66 11.23
CA THR D 91 1.83 31.41 10.36
C THR D 91 2.79 30.54 9.52
N LEU D 92 2.93 29.26 9.88
CA LEU D 92 3.93 28.40 9.25
C LEU D 92 3.28 27.17 8.63
N PRO D 93 3.90 26.60 7.59
CA PRO D 93 3.29 25.43 6.95
C PRO D 93 3.68 24.13 7.71
N ILE D 94 3.21 24.03 8.94
CA ILE D 94 3.55 22.91 9.79
C ILE D 94 2.37 22.47 10.62
N ALA D 95 2.33 21.17 10.92
CA ALA D 95 1.37 20.61 11.83
C ALA D 95 2.11 19.88 12.94
N ALA D 96 1.45 19.70 14.08
CA ALA D 96 1.95 18.93 15.18
C ALA D 96 0.93 17.87 15.54
N SER D 97 1.40 16.73 16.04
CA SER D 97 0.52 15.69 16.49
C SER D 97 1.13 14.99 17.69
N SER D 98 0.28 14.48 18.57
CA SER D 98 0.70 13.71 19.72
C SER D 98 -0.11 12.42 19.79
N SER D 99 0.51 11.36 20.32
CA SER D 99 -0.14 10.04 20.44
C SER D 99 -0.09 9.52 21.87
N LEU D 100 -0.82 8.44 22.10
CA LEU D 100 -0.96 7.87 23.44
C LEU D 100 0.38 7.71 24.18
N ASP D 101 1.45 7.43 23.44
CA ASP D 101 2.81 7.27 24.03
C ASP D 101 3.55 8.59 24.34
N ALA D 102 2.87 9.73 24.30
CA ALA D 102 3.49 11.01 24.68
C ALA D 102 4.68 11.35 23.76
N HIS D 103 4.50 11.10 22.48
CA HIS D 103 5.49 11.38 21.46
C HIS D 103 4.86 12.44 20.59
N ILE D 104 5.59 13.53 20.40
CA ILE D 104 5.13 14.66 19.59
C ILE D 104 5.92 14.67 18.31
N ARG D 105 5.23 14.82 17.19
CA ARG D 105 5.87 14.91 15.87
C ARG D 105 5.43 16.18 15.14
N LEU D 106 6.39 16.92 14.59
CA LEU D 106 6.11 18.11 13.77
C LEU D 106 6.23 17.75 12.30
N TRP D 107 5.25 18.16 11.50
CA TRP D 107 5.19 17.77 10.09
C TRP D 107 5.30 18.96 9.12
N ASP D 108 6.08 18.75 8.05
CA ASP D 108 6.18 19.69 6.95
C ASP D 108 5.00 19.43 6.02
N LEU D 109 4.06 20.37 5.97
CA LEU D 109 2.84 20.16 5.17
C LEU D 109 3.07 20.37 3.67
N GLU D 110 4.17 21.02 3.30
CA GLU D 110 4.44 21.29 1.88
C GLU D 110 4.90 20.02 1.15
N ASN D 111 5.66 19.17 1.83
CA ASN D 111 6.13 17.91 1.23
C ASN D 111 5.82 16.62 2.02
N GLY D 112 5.03 16.74 3.09
CA GLY D 112 4.55 15.57 3.81
C GLY D 112 5.65 14.70 4.42
N LYS D 113 6.61 15.33 5.09
CA LYS D 113 7.67 14.62 5.77
C LYS D 113 7.81 15.13 7.20
N GLN D 114 8.38 14.31 8.06
CA GLN D 114 8.56 14.67 9.46
C GLN D 114 9.71 15.65 9.58
N ILE D 115 9.45 16.79 10.23
CA ILE D 115 10.51 17.76 10.50
C ILE D 115 11.34 17.24 11.65
N LYS D 116 10.69 17.03 12.79
CA LYS D 116 11.37 16.54 13.97
C LYS D 116 10.43 15.72 14.85
N SER D 117 10.94 15.29 15.99
CA SER D 117 10.24 14.38 16.84
C SER D 117 10.69 14.58 18.29
N ILE D 118 9.72 14.76 19.19
CA ILE D 118 9.98 14.97 20.62
C ILE D 118 9.38 13.81 21.44
N ASP D 119 10.24 13.00 22.07
CA ASP D 119 9.78 11.91 22.94
C ASP D 119 9.54 12.49 24.34
N ALA D 120 8.30 12.91 24.59
CA ALA D 120 7.90 13.42 25.90
C ALA D 120 7.24 12.32 26.75
N GLY D 121 7.68 11.08 26.55
CA GLY D 121 7.14 9.94 27.26
C GLY D 121 7.78 9.87 28.61
N PRO D 122 7.09 9.26 29.59
CA PRO D 122 5.76 8.68 29.49
C PRO D 122 4.61 9.64 29.80
N VAL D 123 4.83 10.60 30.71
CA VAL D 123 3.73 11.40 31.27
C VAL D 123 3.69 12.87 30.82
N ASP D 124 4.70 13.33 30.08
CA ASP D 124 4.87 14.77 29.84
C ASP D 124 4.18 15.35 28.57
N ALA D 125 3.22 14.63 28.01
CA ALA D 125 2.45 15.16 26.87
C ALA D 125 1.09 14.46 26.74
N TRP D 126 0.07 15.22 26.30
CA TRP D 126 -1.24 14.65 25.95
C TRP D 126 -1.80 15.29 24.67
N THR D 127 -2.58 16.36 24.79
CA THR D 127 -3.05 17.10 23.59
C THR D 127 -2.17 18.34 23.33
N LEU D 128 -2.21 18.81 22.08
CA LEU D 128 -1.32 19.84 21.60
C LEU D 128 -2.05 21.14 21.24
N ALA D 129 -1.38 22.27 21.44
CA ALA D 129 -1.79 23.52 20.80
C ALA D 129 -0.56 24.37 20.49
N PHE D 130 -0.52 24.95 19.29
CA PHE D 130 0.51 25.94 18.95
C PHE D 130 0.18 27.25 19.61
N SER D 131 1.21 27.97 20.05
CA SER D 131 1.01 29.34 20.50
C SER D 131 0.54 30.20 19.31
N PRO D 132 -0.12 31.34 19.59
CA PRO D 132 -0.56 32.23 18.52
C PRO D 132 0.50 32.50 17.42
N ASP D 133 1.76 32.68 17.82
CA ASP D 133 2.86 32.93 16.88
C ASP D 133 3.65 31.67 16.50
N SER D 134 3.19 30.50 16.93
CA SER D 134 3.80 29.21 16.58
C SER D 134 5.28 29.02 16.96
N GLN D 135 5.80 29.84 17.88
CA GLN D 135 7.15 29.65 18.41
C GLN D 135 7.15 28.52 19.44
N TYR D 136 6.00 28.27 20.04
CA TYR D 136 5.86 27.23 21.06
C TYR D 136 4.74 26.25 20.75
N LEU D 137 4.82 25.10 21.40
CA LEU D 137 3.79 24.08 21.36
C LEU D 137 3.50 23.73 22.81
N ALA D 138 2.24 23.89 23.21
CA ALA D 138 1.82 23.66 24.58
C ALA D 138 1.17 22.31 24.68
N THR D 139 1.45 21.61 25.76
CA THR D 139 0.85 20.29 25.99
C THR D 139 0.57 20.03 27.47
N GLY D 140 -0.54 19.37 27.75
CA GLY D 140 -0.89 19.02 29.12
C GLY D 140 -0.24 17.72 29.53
N THR D 141 0.10 17.59 30.81
CA THR D 141 0.72 16.37 31.33
C THR D 141 -0.27 15.55 32.17
N HIS D 142 0.17 14.36 32.53
CA HIS D 142 -0.64 13.42 33.28
C HIS D 142 -0.52 13.69 34.80
N VAL D 143 0.37 14.62 35.16
CA VAL D 143 0.58 15.01 36.56
C VAL D 143 0.29 16.50 36.81
N GLY D 144 -0.66 17.05 36.05
CA GLY D 144 -1.23 18.38 36.33
C GLY D 144 -0.45 19.58 35.84
N LYS D 145 0.53 19.37 34.97
CA LYS D 145 1.31 20.47 34.42
C LYS D 145 0.96 20.71 32.94
N VAL D 146 1.30 21.92 32.47
CA VAL D 146 1.37 22.19 31.05
C VAL D 146 2.84 22.47 30.69
N ASN D 147 3.39 21.63 29.82
CA ASN D 147 4.71 21.82 29.25
C ASN D 147 4.61 22.69 28.00
N ILE D 148 5.55 23.62 27.89
CA ILE D 148 5.68 24.47 26.73
C ILE D 148 6.98 24.09 26.04
N PHE D 149 6.85 23.48 24.86
CA PHE D 149 8.02 23.10 24.06
C PHE D 149 8.32 24.18 23.04
N GLY D 150 9.60 24.44 22.80
CA GLY D 150 10.01 25.28 21.69
C GLY D 150 9.78 24.53 20.39
N VAL D 151 9.20 25.19 19.40
CA VAL D 151 9.03 24.53 18.10
C VAL D 151 10.41 24.35 17.44
N GLU D 152 11.24 25.38 17.49
CA GLU D 152 12.55 25.35 16.86
C GLU D 152 13.58 24.55 17.67
N SER D 153 13.57 24.71 18.99
CA SER D 153 14.56 24.01 19.84
C SER D 153 14.27 22.52 19.97
N GLY D 154 13.00 22.13 19.87
CA GLY D 154 12.58 20.74 20.10
C GLY D 154 12.66 20.32 21.57
N LYS D 155 12.97 21.27 22.45
CA LYS D 155 13.13 21.02 23.87
C LYS D 155 11.97 21.64 24.63
N LYS D 156 11.74 21.15 25.84
CA LYS D 156 10.82 21.76 26.78
C LYS D 156 11.45 23.08 27.23
N GLU D 157 10.84 24.20 26.86
CA GLU D 157 11.37 25.52 27.24
C GLU D 157 10.91 25.90 28.65
N TYR D 158 9.62 25.69 28.96
CA TYR D 158 9.13 25.90 30.33
C TYR D 158 7.81 25.18 30.67
N SER D 159 7.43 25.27 31.95
CA SER D 159 6.30 24.53 32.52
C SER D 159 5.30 25.48 33.18
N LEU D 160 4.05 25.02 33.28
CA LEU D 160 3.03 25.68 34.10
C LEU D 160 2.44 24.62 35.01
N ASP D 161 2.37 24.90 36.31
CA ASP D 161 1.89 23.92 37.28
C ASP D 161 0.54 24.31 37.86
N THR D 162 -0.48 23.51 37.54
CA THR D 162 -1.83 23.72 38.07
C THR D 162 -1.98 23.16 39.49
N ARG D 163 -0.97 22.41 39.97
CA ARG D 163 -1.04 21.70 41.24
C ARG D 163 -2.33 20.86 41.30
N GLY D 164 -2.61 20.16 40.20
CA GLY D 164 -3.82 19.35 40.09
C GLY D 164 -3.55 18.00 39.43
N LYS D 165 -4.51 17.54 38.63
CA LYS D 165 -4.47 16.20 38.04
C LYS D 165 -4.34 16.27 36.52
N PHE D 166 -4.27 15.08 35.90
CA PHE D 166 -4.19 14.93 34.45
C PHE D 166 -4.89 16.07 33.70
N ILE D 167 -4.12 16.80 32.90
CA ILE D 167 -4.65 17.87 32.05
C ILE D 167 -5.07 17.30 30.68
N LEU D 168 -6.36 17.21 30.44
CA LEU D 168 -6.83 16.62 29.20
C LEU D 168 -6.90 17.61 28.07
N SER D 169 -6.99 18.90 28.38
CA SER D 169 -7.20 19.91 27.35
C SER D 169 -6.52 21.20 27.73
N ILE D 170 -6.02 21.89 26.70
CA ILE D 170 -5.44 23.22 26.83
C ILE D 170 -5.90 24.10 25.68
N ALA D 171 -5.83 25.42 25.88
CA ALA D 171 -6.04 26.39 24.80
C ALA D 171 -5.36 27.71 25.14
N TYR D 172 -4.82 28.35 24.10
CA TYR D 172 -4.20 29.67 24.22
C TYR D 172 -5.25 30.71 23.89
N SER D 173 -5.23 31.83 24.60
CA SER D 173 -6.06 32.96 24.22
C SER D 173 -5.46 33.59 22.95
N PRO D 174 -6.27 33.78 21.89
CA PRO D 174 -5.76 34.34 20.63
C PRO D 174 -4.96 35.63 20.77
N ASP D 175 -5.27 36.41 21.81
CA ASP D 175 -4.57 37.67 22.08
C ASP D 175 -3.18 37.46 22.72
N GLY D 176 -2.77 36.20 22.93
CA GLY D 176 -1.46 35.88 23.45
C GLY D 176 -1.25 36.18 24.94
N LYS D 177 -2.35 36.39 25.67
CA LYS D 177 -2.28 36.76 27.09
C LYS D 177 -2.38 35.56 28.03
N TYR D 178 -3.30 34.66 27.74
CA TYR D 178 -3.64 33.57 28.65
C TYR D 178 -3.50 32.20 28.02
N LEU D 179 -3.29 31.20 28.87
CA LEU D 179 -3.42 29.78 28.52
C LEU D 179 -4.36 29.12 29.52
N ALA D 180 -5.30 28.33 29.02
CA ALA D 180 -6.29 27.65 29.87
C ALA D 180 -6.16 26.14 29.78
N SER D 181 -6.31 25.47 30.91
CA SER D 181 -6.27 23.99 30.99
C SER D 181 -7.54 23.40 31.56
N GLY D 182 -7.92 22.23 31.05
CA GLY D 182 -9.04 21.45 31.61
C GLY D 182 -8.51 20.14 32.19
N ALA D 183 -8.88 19.83 33.43
CA ALA D 183 -8.40 18.63 34.12
C ALA D 183 -9.36 17.44 33.95
N ILE D 184 -8.88 16.26 34.37
CA ILE D 184 -9.69 15.02 34.41
C ILE D 184 -10.78 15.06 35.50
N ASP D 185 -10.51 15.78 36.59
CA ASP D 185 -11.49 15.97 37.67
C ASP D 185 -12.37 17.23 37.48
N GLY D 186 -12.26 17.87 36.32
CA GLY D 186 -13.16 18.99 35.93
C GLY D 186 -12.70 20.41 36.29
N ILE D 187 -11.56 20.53 36.96
CA ILE D 187 -11.05 21.83 37.36
C ILE D 187 -10.41 22.57 36.19
N ILE D 188 -10.67 23.87 36.10
CA ILE D 188 -10.10 24.72 35.06
C ILE D 188 -9.11 25.70 35.66
N ASN D 189 -7.97 25.84 35.00
CA ASN D 189 -6.96 26.82 35.41
C ASN D 189 -6.62 27.77 34.27
N ILE D 190 -6.47 29.04 34.61
CA ILE D 190 -6.12 30.07 33.64
C ILE D 190 -4.78 30.67 34.06
N PHE D 191 -3.80 30.58 33.15
CA PHE D 191 -2.46 31.10 33.41
C PHE D 191 -2.22 32.40 32.66
N ASP D 192 -1.42 33.28 33.26
CA ASP D 192 -0.88 34.44 32.57
C ASP D 192 0.34 33.97 31.78
N ILE D 193 0.25 33.99 30.44
CA ILE D 193 1.32 33.45 29.59
C ILE D 193 2.64 34.24 29.75
N ALA D 194 2.54 35.56 29.90
CA ALA D 194 3.71 36.40 30.12
C ALA D 194 4.44 35.97 31.41
N THR D 195 3.89 36.36 32.57
CA THR D 195 4.51 36.05 33.87
C THR D 195 4.61 34.54 34.15
N GLY D 196 3.67 33.76 33.60
CA GLY D 196 3.61 32.31 33.87
C GLY D 196 2.85 31.96 35.14
N LYS D 197 2.31 32.97 35.83
CA LYS D 197 1.64 32.76 37.11
C LYS D 197 0.22 32.24 36.89
N LEU D 198 -0.27 31.49 37.87
CA LEU D 198 -1.64 31.00 37.88
C LEU D 198 -2.55 32.14 38.33
N LEU D 199 -3.55 32.47 37.51
CA LEU D 199 -4.44 33.60 37.77
C LEU D 199 -5.78 33.18 38.37
N HIS D 200 -6.37 32.13 37.81
CA HIS D 200 -7.66 31.63 38.30
C HIS D 200 -7.73 30.11 38.25
N THR D 201 -8.39 29.54 39.26
CA THR D 201 -8.73 28.13 39.29
C THR D 201 -10.23 28.04 39.54
N LEU D 202 -10.94 27.37 38.63
CA LEU D 202 -12.40 27.34 38.66
C LEU D 202 -12.88 25.92 38.90
N GLU D 203 -13.84 25.77 39.81
CA GLU D 203 -14.42 24.45 40.14
C GLU D 203 -15.02 23.74 38.91
N GLY D 204 -15.32 24.49 37.86
CA GLY D 204 -15.60 23.93 36.55
C GLY D 204 -16.68 22.86 36.48
N HIS D 205 -16.29 21.67 36.05
CA HIS D 205 -17.22 20.54 35.94
C HIS D 205 -16.86 19.49 36.99
N ALA D 206 -17.68 18.45 37.08
CA ALA D 206 -17.46 17.33 38.00
C ALA D 206 -16.74 16.17 37.31
N MET D 207 -16.70 16.22 36.00
CA MET D 207 -16.21 15.14 35.18
C MET D 207 -15.15 15.68 34.24
N PRO D 208 -14.44 14.78 33.51
CA PRO D 208 -13.36 15.22 32.63
C PRO D 208 -13.76 16.30 31.64
N ILE D 209 -12.82 17.18 31.33
CA ILE D 209 -13.00 18.23 30.35
C ILE D 209 -12.03 17.94 29.21
N ARG D 210 -12.52 17.40 28.10
CA ARG D 210 -11.66 16.99 27.01
C ARG D 210 -11.44 18.08 25.99
N SER D 211 -12.13 19.20 26.13
CA SER D 211 -11.98 20.32 25.21
C SER D 211 -12.43 21.63 25.83
N LEU D 212 -11.61 22.67 25.69
CA LEU D 212 -12.07 24.02 25.95
C LEU D 212 -11.52 24.94 24.88
N THR D 213 -12.02 26.15 24.80
CA THR D 213 -11.52 27.08 23.82
C THR D 213 -11.87 28.51 24.18
N PHE D 214 -10.96 29.42 23.83
CA PHE D 214 -11.22 30.85 23.91
C PHE D 214 -11.92 31.29 22.65
N SER D 215 -12.76 32.33 22.78
CA SER D 215 -13.37 32.98 21.65
C SER D 215 -12.34 33.82 20.90
N PRO D 216 -12.54 34.03 19.59
CA PRO D 216 -11.66 34.90 18.79
C PRO D 216 -11.25 36.22 19.49
N ASP D 217 -12.17 36.87 20.18
CA ASP D 217 -11.84 38.14 20.87
C ASP D 217 -11.17 37.94 22.25
N SER D 218 -10.95 36.67 22.62
CA SER D 218 -10.25 36.31 23.86
C SER D 218 -11.00 36.74 25.11
N GLN D 219 -12.32 36.93 24.98
CA GLN D 219 -13.16 37.40 26.07
C GLN D 219 -13.96 36.29 26.73
N LEU D 220 -14.29 35.26 25.97
CA LEU D 220 -14.98 34.12 26.50
C LEU D 220 -14.08 32.89 26.51
N LEU D 221 -14.30 32.02 27.49
CA LEU D 221 -13.69 30.71 27.54
C LEU D 221 -14.83 29.71 27.64
N VAL D 222 -14.90 28.77 26.70
CA VAL D 222 -15.96 27.76 26.67
C VAL D 222 -15.39 26.35 26.87
N THR D 223 -16.01 25.57 27.74
CA THR D 223 -15.49 24.29 28.16
C THR D 223 -16.49 23.17 27.98
N ALA D 224 -16.00 21.99 27.56
CA ALA D 224 -16.84 20.80 27.30
C ALA D 224 -16.42 19.63 28.19
N SER D 225 -17.41 18.98 28.80
CA SER D 225 -17.13 17.91 29.74
C SER D 225 -17.93 16.64 29.46
N ASP D 226 -17.44 15.54 30.03
CA ASP D 226 -18.14 14.28 30.05
C ASP D 226 -19.50 14.37 30.73
N ASP D 227 -19.67 15.32 31.66
CA ASP D 227 -20.96 15.45 32.34
C ASP D 227 -22.09 15.89 31.39
N GLY D 228 -21.73 16.22 30.15
CA GLY D 228 -22.72 16.46 29.09
C GLY D 228 -23.03 17.93 28.89
N TYR D 229 -22.42 18.79 29.70
CA TYR D 229 -22.69 20.21 29.65
C TYR D 229 -21.55 20.98 28.98
N ILE D 230 -21.90 22.14 28.43
CA ILE D 230 -20.92 23.10 27.95
C ILE D 230 -21.05 24.31 28.83
N LYS D 231 -19.91 24.83 29.31
CA LYS D 231 -19.91 26.03 30.15
C LYS D 231 -19.17 27.17 29.46
N ILE D 232 -19.71 28.39 29.63
CA ILE D 232 -19.10 29.61 29.10
C ILE D 232 -18.63 30.46 30.27
N TYR D 233 -17.39 30.92 30.21
CA TYR D 233 -16.84 31.78 31.24
C TYR D 233 -16.50 33.15 30.70
N ASP D 234 -16.73 34.18 31.51
CA ASP D 234 -16.23 35.50 31.17
C ASP D 234 -14.78 35.51 31.61
N VAL D 235 -13.87 35.82 30.70
CA VAL D 235 -12.44 35.73 30.98
C VAL D 235 -11.96 36.85 31.92
N GLN D 236 -12.43 38.08 31.69
CA GLN D 236 -11.97 39.22 32.49
C GLN D 236 -12.34 39.05 33.97
N HIS D 237 -13.61 38.77 34.23
CA HIS D 237 -14.09 38.50 35.60
C HIS D 237 -13.87 37.03 36.02
N ALA D 238 -13.50 36.16 35.08
CA ALA D 238 -13.23 34.76 35.41
C ALA D 238 -14.43 34.07 36.09
N ASN D 239 -15.66 34.51 35.78
CA ASN D 239 -16.86 33.92 36.40
C ASN D 239 -17.73 33.17 35.38
N LEU D 240 -18.69 32.40 35.90
CA LEU D 240 -19.54 31.53 35.09
C LEU D 240 -20.72 32.29 34.47
N ALA D 241 -20.65 32.55 33.17
CA ALA D 241 -21.69 33.28 32.46
C ALA D 241 -22.89 32.39 32.16
N GLY D 242 -22.66 31.08 32.07
CA GLY D 242 -23.74 30.18 31.72
C GLY D 242 -23.33 28.73 31.61
N THR D 243 -24.31 27.85 31.71
CA THR D 243 -24.14 26.41 31.57
C THR D 243 -25.18 25.92 30.56
N LEU D 244 -24.72 25.36 29.43
CA LEU D 244 -25.61 24.93 28.34
C LEU D 244 -25.85 23.45 28.42
N SER D 245 -27.13 23.07 28.39
CA SER D 245 -27.53 21.68 28.29
C SER D 245 -27.96 21.43 26.85
N GLY D 246 -27.92 20.17 26.44
CA GLY D 246 -28.34 19.80 25.11
C GLY D 246 -27.76 18.48 24.61
N HIS D 247 -26.55 18.13 25.06
CA HIS D 247 -25.98 16.82 24.71
C HIS D 247 -26.34 15.75 25.73
N ALA D 248 -26.63 14.55 25.23
CA ALA D 248 -27.08 13.42 26.07
C ALA D 248 -25.92 12.60 26.63
N SER D 249 -24.71 12.87 26.17
CA SER D 249 -23.52 12.14 26.62
C SER D 249 -22.33 13.10 26.57
N TRP D 250 -21.11 12.56 26.67
CA TRP D 250 -19.88 13.39 26.77
C TRP D 250 -19.78 14.46 25.68
N VAL D 251 -19.39 15.67 26.09
CA VAL D 251 -19.02 16.69 25.10
C VAL D 251 -17.51 16.60 24.86
N LEU D 252 -17.14 16.28 23.63
CA LEU D 252 -15.77 15.85 23.29
C LEU D 252 -14.94 16.95 22.66
N ASN D 253 -15.61 17.97 22.14
CA ASN D 253 -14.91 19.02 21.41
C ASN D 253 -15.76 20.27 21.31
N VAL D 254 -15.12 21.42 21.50
CA VAL D 254 -15.74 22.73 21.23
C VAL D 254 -14.80 23.55 20.35
N ALA D 255 -15.38 24.38 19.49
CA ALA D 255 -14.62 25.25 18.61
C ALA D 255 -15.45 26.48 18.24
N PHE D 256 -14.84 27.66 18.33
CA PHE D 256 -15.55 28.91 18.03
C PHE D 256 -15.60 29.25 16.56
N CYS D 257 -16.70 29.85 16.14
CA CYS D 257 -16.80 30.45 14.84
C CYS D 257 -16.03 31.78 14.89
N PRO D 258 -15.25 32.11 13.84
CA PRO D 258 -14.53 33.41 13.86
C PRO D 258 -15.44 34.65 14.05
N ASP D 259 -16.74 34.55 13.73
CA ASP D 259 -17.68 35.66 13.95
C ASP D 259 -17.87 36.02 15.41
N ASP D 260 -17.30 35.21 16.31
CA ASP D 260 -17.30 35.50 17.74
C ASP D 260 -18.68 35.32 18.40
N THR D 261 -19.66 34.85 17.62
CA THR D 261 -21.04 34.71 18.09
C THR D 261 -21.44 33.25 18.22
N HIS D 262 -20.98 32.42 17.30
CA HIS D 262 -21.31 31.03 17.33
C HIS D 262 -20.15 30.17 17.78
N PHE D 263 -20.47 28.99 18.26
CA PHE D 263 -19.50 27.93 18.43
C PHE D 263 -20.14 26.59 18.17
N VAL D 264 -19.30 25.61 17.87
CA VAL D 264 -19.76 24.27 17.56
C VAL D 264 -19.24 23.29 18.59
N SER D 265 -20.03 22.26 18.85
CA SER D 265 -19.67 21.18 19.77
C SER D 265 -19.98 19.83 19.15
N SER D 266 -19.23 18.81 19.59
CA SER D 266 -19.45 17.44 19.16
C SER D 266 -19.47 16.54 20.38
N SER D 267 -20.25 15.47 20.29
CA SER D 267 -20.53 14.64 21.46
C SER D 267 -20.52 13.14 21.21
N SER D 268 -20.46 12.38 22.30
CA SER D 268 -20.59 10.94 22.26
C SER D 268 -21.99 10.54 21.86
N ASP D 269 -22.93 11.48 22.02
CA ASP D 269 -24.30 11.24 21.61
C ASP D 269 -24.52 11.23 20.07
N LYS D 270 -23.45 11.31 19.28
CA LYS D 270 -23.52 11.13 17.82
C LYS D 270 -23.90 12.40 17.03
N SER D 271 -24.13 13.51 17.74
CA SER D 271 -24.58 14.75 17.13
C SER D 271 -23.48 15.83 17.09
N VAL D 272 -23.62 16.75 16.16
CA VAL D 272 -22.82 17.99 16.13
C VAL D 272 -23.82 19.11 16.35
N LYS D 273 -23.47 20.06 17.22
CA LYS D 273 -24.38 21.16 17.57
C LYS D 273 -23.73 22.52 17.40
N VAL D 274 -24.52 23.47 16.85
CA VAL D 274 -24.08 24.83 16.64
C VAL D 274 -24.83 25.72 17.61
N TRP D 275 -24.10 26.57 18.31
CA TRP D 275 -24.62 27.35 19.42
C TRP D 275 -24.48 28.85 19.19
N ASP D 276 -25.45 29.60 19.68
CA ASP D 276 -25.38 31.05 19.67
C ASP D 276 -24.98 31.48 21.09
N VAL D 277 -23.81 32.07 21.21
CA VAL D 277 -23.24 32.39 22.52
C VAL D 277 -24.03 33.43 23.28
N GLY D 278 -24.72 34.32 22.54
CA GLY D 278 -25.52 35.41 23.14
C GLY D 278 -26.88 35.00 23.69
N THR D 279 -27.60 34.17 22.93
CA THR D 279 -28.88 33.57 23.40
C THR D 279 -28.66 32.30 24.21
N ARG D 280 -27.45 31.73 24.10
CA ARG D 280 -27.09 30.45 24.76
C ARG D 280 -28.03 29.32 24.36
N THR D 281 -28.36 29.27 23.07
CA THR D 281 -29.32 28.30 22.54
C THR D 281 -28.69 27.57 21.37
N CYS D 282 -29.09 26.32 21.18
CA CYS D 282 -28.66 25.55 20.02
C CYS D 282 -29.45 26.06 18.84
N VAL D 283 -28.74 26.50 17.79
CA VAL D 283 -29.41 27.03 16.59
C VAL D 283 -29.53 25.99 15.45
N HIS D 284 -28.80 24.89 15.56
CA HIS D 284 -28.89 23.80 14.58
C HIS D 284 -28.15 22.58 15.12
N THR D 285 -28.69 21.39 14.81
CA THR D 285 -28.03 20.12 15.10
C THR D 285 -27.97 19.19 13.87
N PHE D 286 -26.78 18.66 13.62
CA PHE D 286 -26.58 17.69 12.55
C PHE D 286 -26.60 16.33 13.17
N PHE D 287 -27.37 15.42 12.56
CA PHE D 287 -27.55 14.07 13.06
C PHE D 287 -27.07 13.03 12.09
N ASP D 288 -26.09 13.36 11.25
CA ASP D 288 -25.67 12.47 10.15
C ASP D 288 -24.59 11.45 10.56
N HIS D 289 -23.86 11.72 11.64
CA HIS D 289 -22.86 10.79 12.15
C HIS D 289 -23.55 9.65 12.87
N GLN D 290 -22.93 8.47 12.82
CA GLN D 290 -23.51 7.24 13.37
C GLN D 290 -22.80 6.74 14.62
N ASP D 291 -21.86 7.53 15.12
CA ASP D 291 -21.12 7.14 16.28
C ASP D 291 -20.46 8.39 16.88
N GLN D 292 -19.62 8.21 17.89
CA GLN D 292 -19.07 9.35 18.63
C GLN D 292 -18.41 10.34 17.67
N VAL D 293 -18.66 11.64 17.89
CA VAL D 293 -18.01 12.66 17.10
C VAL D 293 -16.92 13.32 17.97
N TRP D 294 -15.66 13.12 17.57
CA TRP D 294 -14.53 13.46 18.40
C TRP D 294 -14.01 14.86 18.15
N GLY D 295 -14.15 15.35 16.93
CA GLY D 295 -13.59 16.64 16.57
C GLY D 295 -14.45 17.51 15.70
N VAL D 296 -14.54 18.78 16.07
CA VAL D 296 -15.21 19.79 15.23
C VAL D 296 -14.34 21.05 15.15
N LYS D 297 -14.32 21.67 13.98
CA LYS D 297 -13.66 22.97 13.79
C LYS D 297 -14.38 23.79 12.74
N TYR D 298 -14.29 25.09 12.85
CA TYR D 298 -14.67 26.00 11.78
C TYR D 298 -13.49 26.26 10.86
N ASN D 299 -13.77 26.60 9.61
CA ASN D 299 -12.77 27.10 8.70
C ASN D 299 -12.54 28.59 8.97
N GLY D 300 -11.64 29.21 8.20
CA GLY D 300 -11.17 30.56 8.49
C GLY D 300 -12.23 31.67 8.44
N ASN D 301 -13.18 31.54 7.50
CA ASN D 301 -14.20 32.56 7.34
C ASN D 301 -15.52 32.22 8.04
N GLY D 302 -15.58 31.04 8.66
CA GLY D 302 -16.74 30.63 9.44
C GLY D 302 -17.88 30.02 8.64
N SER D 303 -17.67 29.78 7.34
CA SER D 303 -18.75 29.25 6.48
C SER D 303 -18.76 27.73 6.34
N LYS D 304 -17.77 27.07 6.93
CA LYS D 304 -17.68 25.62 6.92
C LYS D 304 -17.34 25.11 8.31
N ILE D 305 -17.94 23.99 8.66
CA ILE D 305 -17.52 23.23 9.83
C ILE D 305 -16.99 21.87 9.35
N VAL D 306 -15.94 21.40 9.99
CA VAL D 306 -15.45 20.08 9.74
C VAL D 306 -15.70 19.24 10.98
N SER D 307 -16.26 18.05 10.78
CA SER D 307 -16.45 17.10 11.87
C SER D 307 -15.87 15.73 11.51
N VAL D 308 -15.36 15.04 12.54
CA VAL D 308 -14.78 13.71 12.41
C VAL D 308 -15.08 12.89 13.67
N GLY D 309 -15.07 11.56 13.54
CA GLY D 309 -15.38 10.69 14.66
C GLY D 309 -15.08 9.21 14.51
N ASP D 310 -15.75 8.40 15.32
CA ASP D 310 -15.57 6.93 15.34
C ASP D 310 -15.91 6.25 14.02
N ASP D 311 -16.78 6.82 13.21
CA ASP D 311 -17.21 6.18 11.93
C ASP D 311 -16.15 6.27 10.82
N GLN D 312 -15.00 6.87 11.16
CA GLN D 312 -13.85 7.01 10.26
C GLN D 312 -14.15 7.94 9.10
N GLU D 313 -15.11 8.85 9.31
CA GLU D 313 -15.61 9.73 8.28
C GLU D 313 -15.21 11.15 8.54
N ILE D 314 -15.10 11.93 7.46
CA ILE D 314 -14.98 13.38 7.56
C ILE D 314 -16.21 14.00 6.90
N HIS D 315 -16.94 14.81 7.64
CA HIS D 315 -18.10 15.53 7.14
C HIS D 315 -17.78 17.00 7.17
N ILE D 316 -18.09 17.68 6.08
CA ILE D 316 -17.99 19.14 5.98
C ILE D 316 -19.39 19.72 5.86
N TYR D 317 -19.71 20.63 6.77
CA TYR D 317 -21.03 21.27 6.78
C TYR D 317 -20.96 22.69 6.23
N ASP D 318 -22.03 23.09 5.55
CA ASP D 318 -22.21 24.46 5.10
C ASP D 318 -22.85 25.31 6.21
N CYS D 319 -22.45 26.57 6.29
CA CYS D 319 -22.96 27.49 7.35
C CYS D 319 -23.21 28.89 6.80
N PRO D 320 -24.31 29.52 7.21
CA PRO D 320 -24.63 30.87 6.71
C PRO D 320 -23.70 31.96 7.28
UNK UNX E . -5.87 -1.08 9.52
UNK UNX F . -19.83 -1.26 25.90
UNK UNX G . -5.03 -11.72 21.85
UNK UNX H . 0.26 -14.73 30.46
UNK UNX I . 6.95 -19.40 5.12
UNK UNX J . -3.89 -22.74 5.14
UNK UNX K . 21.89 -34.09 -9.71
UNK UNX L . 1.09 -35.97 -4.63
UNK UNX M . 18.82 -29.32 -23.70
UNK UNX N . 8.78 -24.31 -18.41
UNK UNX O . 1.49 -44.03 -4.92
UNK UNX P . 25.86 -34.34 -17.64
UNK UNX Q . -2.57 30.69 -15.96
UNK UNX R . 21.80 24.27 -13.96
UNK UNX S . 0.64 31.76 -12.61
UNK UNX T . 0.33 15.18 -2.58
UNK UNX U . 4.60 8.25 -19.30
UNK UNX V . 3.20 16.82 -22.65
UNK UNX W . 2.93 5.85 -39.12
UNK UNX X . -13.26 23.98 -23.52
UNK UNX Y . 11.28 9.13 -44.14
UNK UNX Z . 23.31 24.10 -20.33
UNK UNX AA . 0.13 20.21 -8.37
UNK UNX BA . -4.97 26.27 -27.65
UNK UNX CA . 2.06 8.34 -29.14
UNK UNX DA . -17.67 3.63 19.06
UNK UNX EA . -19.00 2.67 14.41
UNK UNX FA . -29.22 18.62 10.71
UNK UNX GA . -23.99 13.79 13.67
UNK UNX HA . -10.09 18.10 17.40
UNK UNX IA . -13.03 26.69 15.01
UNK UNX JA . -7.27 19.99 16.63
UNK UNX KA . -8.29 28.74 22.16
UNK UNX LA . -8.05 8.14 26.59
UNK UNX MA . -12.84 5.55 19.78
#